data_4X58
#
_entry.id   4X58
#
_cell.length_a   94.739
_cell.length_b   78.067
_cell.length_c   101.331
_cell.angle_alpha   90.000
_cell.angle_beta   111.300
_cell.angle_gamma   90.000
#
_symmetry.space_group_name_H-M   'C 1 2 1'
#
loop_
_entity.id
_entity.type
_entity.pdbx_description
1 polymer 'Anthranilate phosphoribosyltransferase'
2 non-polymer D-MALATE
3 non-polymer GLYCEROL
4 non-polymer 1-O-pyrophosphono-5-O-phosphono-alpha-D-ribofuranose
5 non-polymer 'MAGNESIUM ION'
6 non-polymer IMIDAZOLE
7 water water
#
_entity_poly.entity_id   1
_entity_poly.type   'polypeptide(L)'
_entity_poly.pdbx_seq_one_letter_code
;LEHHHHHHMALSAEGSSGGSRGGSPKAEAASVPSWPQILGRLTDNRDLARGQAAWAMDQIMTGNARPAQIAAFAVAMTMK
APTADEVGELAGVMLSHAHPLPADTVPDDAVDVVGTGGDGVNTVNLSTMAAIVVAAAGVPVVKHGARAASSLSGGADTLE
ALGVRIDLGPDLVARSLAEVGIGFCFAPRFHPSYRHAAAVRREIGVPTVFNLLGPLTNPARPRAGLIGCAFADLAEVMAG
VFAARRSSVLVVHGDDGLDELTTTTTSTIWRVAAGSVDKLTFDPAGFGFARAQLDQLAGGDAQANAAAVRAVLGGARGPV
RDAVVLNAAGAIVAHAGLSSRAEWLPAWEEGLRRASAAIDTGAAEQLLARWVRFGRQI
;
_entity_poly.pdbx_strand_id   A,B
#
loop_
_chem_comp.id
_chem_comp.type
_chem_comp.name
_chem_comp.formula
GOL non-polymer GLYCEROL 'C3 H8 O3'
IMD non-polymer IMIDAZOLE 'C3 H5 N2 1'
MG non-polymer 'MAGNESIUM ION' 'Mg 2'
MLT non-polymer D-MALATE 'C4 H6 O5'
PRP D-saccharide 1-O-pyrophosphono-5-O-phosphono-alpha-D-ribofuranose 'C5 H13 O14 P3'
#
# COMPACT_ATOMS: atom_id res chain seq x y z
N VAL A 32 14.54 -8.49 -16.09
CA VAL A 32 13.23 -9.21 -16.01
C VAL A 32 12.29 -8.53 -15.00
N PRO A 33 11.76 -7.33 -15.36
CA PRO A 33 10.89 -6.59 -14.45
C PRO A 33 9.57 -7.31 -14.18
N SER A 34 9.11 -7.28 -12.93
CA SER A 34 7.84 -7.91 -12.57
C SER A 34 7.22 -7.24 -11.35
N TRP A 35 5.94 -7.49 -11.13
CA TRP A 35 5.25 -6.89 -9.98
C TRP A 35 5.81 -7.39 -8.63
N PRO A 36 6.03 -8.72 -8.50
CA PRO A 36 6.62 -9.16 -7.24
C PRO A 36 7.97 -8.50 -6.93
N GLN A 37 8.80 -8.34 -7.94
CA GLN A 37 10.12 -7.73 -7.77
C GLN A 37 10.01 -6.27 -7.35
N ILE A 38 9.16 -5.53 -8.05
CA ILE A 38 9.00 -4.10 -7.79
C ILE A 38 8.29 -3.85 -6.47
N LEU A 39 7.17 -4.54 -6.22
CA LEU A 39 6.45 -4.37 -4.96
C LEU A 39 7.24 -4.89 -3.76
N GLY A 40 8.00 -5.96 -3.95
CA GLY A 40 8.87 -6.47 -2.90
C GLY A 40 9.98 -5.51 -2.52
N ARG A 41 10.55 -4.85 -3.52
CA ARG A 41 11.58 -3.84 -3.28
C ARG A 41 10.98 -2.66 -2.50
N LEU A 42 9.81 -2.19 -2.92
CA LEU A 42 9.14 -1.08 -2.23
C LEU A 42 8.75 -1.41 -0.79
N THR A 43 8.17 -2.59 -0.58
CA THR A 43 7.77 -3.02 0.78
C THR A 43 8.99 -3.29 1.68
N ASP A 44 10.15 -3.50 1.08
CA ASP A 44 11.41 -3.58 1.83
C ASP A 44 12.00 -2.19 2.10
N ASN A 45 11.23 -1.14 1.79
CA ASN A 45 11.67 0.24 1.94
C ASN A 45 12.92 0.62 1.16
N ARG A 46 13.04 0.07 -0.04
CA ARG A 46 14.15 0.38 -0.92
C ARG A 46 13.68 1.23 -2.08
N ASP A 47 14.49 2.19 -2.47
CA ASP A 47 14.27 2.91 -3.72
C ASP A 47 14.36 1.95 -4.89
N LEU A 48 13.59 2.22 -5.93
CA LEU A 48 13.58 1.37 -7.10
C LEU A 48 14.84 1.59 -7.93
N ALA A 49 15.21 0.59 -8.70
CA ALA A 49 16.28 0.73 -9.70
C ALA A 49 15.78 1.62 -10.82
N ARG A 50 16.71 2.29 -11.50
CA ARG A 50 16.38 3.14 -12.64
CA ARG A 50 16.41 3.11 -12.67
C ARG A 50 15.52 2.32 -13.61
N GLY A 51 14.44 2.93 -14.07
CA GLY A 51 13.55 2.28 -15.03
C GLY A 51 12.40 1.46 -14.46
N GLN A 52 12.48 1.05 -13.20
CA GLN A 52 11.41 0.20 -12.63
C GLN A 52 10.08 0.96 -12.42
N ALA A 53 10.15 2.17 -11.89
CA ALA A 53 8.95 3.00 -11.75
C ALA A 53 8.31 3.23 -13.13
N ALA A 54 9.15 3.50 -14.13
CA ALA A 54 8.70 3.69 -15.50
C ALA A 54 7.99 2.43 -16.01
N TRP A 55 8.60 1.27 -15.80
CA TRP A 55 8.00 0.00 -16.21
C TRP A 55 6.62 -0.15 -15.59
N ALA A 56 6.56 0.08 -14.28
CA ALA A 56 5.31 -0.04 -13.55
C ALA A 56 4.25 0.88 -14.12
N MET A 57 4.59 2.15 -14.33
CA MET A 57 3.60 3.12 -14.81
C MET A 57 3.11 2.74 -16.20
N ASP A 58 4.02 2.25 -17.04
CA ASP A 58 3.64 1.86 -18.38
C ASP A 58 2.67 0.67 -18.36
N GLN A 59 2.93 -0.30 -17.50
CA GLN A 59 2.00 -1.42 -17.34
C GLN A 59 0.63 -0.90 -16.91
N ILE A 60 0.64 0.07 -16.00
CA ILE A 60 -0.59 0.68 -15.51
C ILE A 60 -1.32 1.42 -16.65
N MET A 61 -0.58 2.17 -17.45
CA MET A 61 -1.18 2.98 -18.51
C MET A 61 -1.66 2.17 -19.71
N THR A 62 -1.10 0.97 -19.89
CA THR A 62 -1.48 0.14 -21.01
C THR A 62 -2.60 -0.84 -20.67
N GLY A 63 -3.11 -0.76 -19.45
CA GLY A 63 -4.22 -1.63 -19.02
C GLY A 63 -3.75 -3.03 -18.67
N ASN A 64 -2.44 -3.18 -18.45
CA ASN A 64 -1.88 -4.50 -18.13
C ASN A 64 -1.76 -4.79 -16.64
N ALA A 65 -2.08 -3.80 -15.81
CA ALA A 65 -1.95 -3.98 -14.37
C ALA A 65 -3.31 -4.28 -13.73
N ARG A 66 -3.34 -5.29 -12.87
CA ARG A 66 -4.52 -5.58 -12.06
C ARG A 66 -4.75 -4.41 -11.09
N PRO A 67 -6.02 -4.10 -10.78
CA PRO A 67 -6.27 -3.07 -9.77
C PRO A 67 -5.49 -3.26 -8.47
N ALA A 68 -5.38 -4.51 -8.01
CA ALA A 68 -4.62 -4.81 -6.80
C ALA A 68 -3.16 -4.38 -6.92
N GLN A 69 -2.59 -4.59 -8.11
CA GLN A 69 -1.19 -4.25 -8.36
C GLN A 69 -1.00 -2.72 -8.41
N ILE A 70 -1.94 -2.05 -9.07
CA ILE A 70 -1.92 -0.59 -9.15
C ILE A 70 -1.93 0.00 -7.74
N ALA A 71 -2.88 -0.47 -6.93
CA ALA A 71 -3.05 0.01 -5.56
C ALA A 71 -1.85 -0.33 -4.69
N ALA A 72 -1.35 -1.56 -4.78
CA ALA A 72 -0.15 -1.95 -4.03
C ALA A 72 1.00 -1.03 -4.36
N PHE A 73 1.20 -0.80 -5.66
CA PHE A 73 2.29 0.04 -6.14
C PHE A 73 2.20 1.47 -5.59
N ALA A 74 1.01 2.08 -5.74
CA ALA A 74 0.82 3.47 -5.32
C ALA A 74 1.05 3.62 -3.82
N VAL A 75 0.47 2.71 -3.05
CA VAL A 75 0.59 2.76 -1.59
C VAL A 75 2.02 2.47 -1.13
N ALA A 76 2.64 1.44 -1.70
CA ALA A 76 4.00 1.08 -1.29
C ALA A 76 4.99 2.20 -1.60
N MET A 77 4.89 2.80 -2.77
CA MET A 77 5.78 3.92 -3.11
C MET A 77 5.58 5.08 -2.14
N THR A 78 4.32 5.35 -1.80
CA THR A 78 3.99 6.45 -0.90
C THR A 78 4.63 6.24 0.47
N MET A 79 4.50 5.03 1.01
CA MET A 79 5.00 4.76 2.34
C MET A 79 6.51 4.61 2.40
N LYS A 80 7.11 4.16 1.30
CA LYS A 80 8.58 4.11 1.19
C LYS A 80 9.14 5.54 1.24
N ALA A 81 8.42 6.46 0.63
CA ALA A 81 8.83 7.87 0.37
C ALA A 81 9.38 7.94 -1.05
N PRO A 82 8.58 8.45 -1.99
CA PRO A 82 9.03 8.53 -3.39
C PRO A 82 10.22 9.45 -3.56
N THR A 83 11.10 9.10 -4.49
CA THR A 83 12.20 9.96 -4.88
C THR A 83 11.77 10.77 -6.11
N ALA A 84 12.46 11.87 -6.36
CA ALA A 84 12.22 12.67 -7.57
C ALA A 84 12.48 11.85 -8.83
N ASP A 85 13.52 11.01 -8.82
CA ASP A 85 13.78 10.11 -9.95
C ASP A 85 12.55 9.23 -10.25
N GLU A 86 12.01 8.59 -9.21
CA GLU A 86 10.84 7.71 -9.34
C GLU A 86 9.61 8.47 -9.84
N VAL A 87 9.30 9.59 -9.21
CA VAL A 87 8.12 10.38 -9.62
C VAL A 87 8.32 10.92 -11.04
N GLY A 88 9.53 11.34 -11.36
CA GLY A 88 9.86 11.78 -12.72
C GLY A 88 9.62 10.67 -13.75
N GLU A 89 9.94 9.44 -13.37
CA GLU A 89 9.68 8.31 -14.25
C GLU A 89 8.19 8.12 -14.47
N LEU A 90 7.38 8.24 -13.41
CA LEU A 90 5.93 8.06 -13.54
C LEU A 90 5.34 9.11 -14.47
N ALA A 91 5.71 10.36 -14.22
CA ALA A 91 5.24 11.48 -15.03
C ALA A 91 5.72 11.36 -16.48
N GLY A 92 6.96 10.89 -16.67
CA GLY A 92 7.52 10.70 -17.99
C GLY A 92 6.67 9.74 -18.80
N VAL A 93 6.31 8.63 -18.18
CA VAL A 93 5.48 7.61 -18.85
C VAL A 93 4.11 8.19 -19.21
N MET A 94 3.49 8.90 -18.28
CA MET A 94 2.20 9.53 -18.56
C MET A 94 2.28 10.45 -19.75
N LEU A 95 3.31 11.29 -19.77
CA LEU A 95 3.51 12.22 -20.86
C LEU A 95 3.78 11.53 -22.18
N SER A 96 4.43 10.36 -22.13
CA SER A 96 4.61 9.57 -23.35
C SER A 96 3.29 9.10 -23.94
N HIS A 97 2.34 8.78 -23.07
CA HIS A 97 1.05 8.25 -23.51
C HIS A 97 -0.01 9.33 -23.69
N ALA A 98 0.29 10.57 -23.36
CA ALA A 98 -0.67 11.66 -23.50
C ALA A 98 -0.83 12.07 -24.95
N HIS A 99 -1.99 12.64 -25.26
CA HIS A 99 -2.15 13.35 -26.52
C HIS A 99 -1.33 14.64 -26.45
N PRO A 100 -0.36 14.84 -27.36
CA PRO A 100 0.37 16.10 -27.38
C PRO A 100 -0.41 17.21 -28.08
N LEU A 101 -0.03 18.45 -27.85
CA LEU A 101 -0.50 19.54 -28.70
C LEU A 101 0.26 19.48 -30.03
N PRO A 102 -0.29 20.10 -31.08
CA PRO A 102 0.42 20.12 -32.35
C PRO A 102 1.77 20.80 -32.27
N ALA A 103 2.71 20.36 -33.11
CA ALA A 103 4.05 20.94 -33.14
C ALA A 103 3.98 22.45 -33.31
N ASP A 104 4.84 23.15 -32.57
CA ASP A 104 5.03 24.60 -32.69
C ASP A 104 3.77 25.43 -32.38
N THR A 105 2.94 24.95 -31.45
CA THR A 105 1.74 25.70 -31.04
C THR A 105 1.81 26.20 -29.60
N VAL A 106 2.77 25.73 -28.83
CA VAL A 106 2.89 26.16 -27.45
C VAL A 106 4.14 27.06 -27.37
N PRO A 107 3.94 28.36 -27.04
CA PRO A 107 5.08 29.27 -26.85
C PRO A 107 6.07 28.72 -25.83
N ASP A 108 7.35 29.00 -26.03
CA ASP A 108 8.41 28.51 -25.16
C ASP A 108 8.24 29.00 -23.72
N ASP A 109 7.54 30.12 -23.55
CA ASP A 109 7.33 30.70 -22.23
C ASP A 109 5.93 30.48 -21.66
N ALA A 110 5.21 29.48 -22.14
CA ALA A 110 3.86 29.22 -21.60
C ALA A 110 3.95 28.77 -20.15
N VAL A 111 2.96 29.15 -19.34
CA VAL A 111 2.92 28.78 -17.93
C VAL A 111 1.65 28.02 -17.58
N ASP A 112 1.78 27.18 -16.56
CA ASP A 112 0.65 26.51 -15.90
C ASP A 112 0.42 27.11 -14.52
N VAL A 113 -0.82 27.01 -14.06
CA VAL A 113 -1.18 27.32 -12.68
C VAL A 113 -2.12 26.22 -12.24
N VAL A 114 -1.62 25.31 -11.40
CA VAL A 114 -2.36 24.11 -11.04
C VAL A 114 -1.79 23.44 -9.81
N GLY A 115 -2.65 22.77 -9.07
CA GLY A 115 -2.25 22.06 -7.87
C GLY A 115 -2.73 20.62 -7.82
N THR A 116 -2.25 19.94 -6.80
CA THR A 116 -2.61 18.56 -6.52
C THR A 116 -4.05 18.47 -6.08
N GLY A 117 -4.57 19.56 -5.52
CA GLY A 117 -5.78 19.53 -4.73
C GLY A 117 -5.55 18.68 -3.49
N GLY A 118 -6.66 18.27 -2.86
CA GLY A 118 -6.60 17.42 -1.70
C GLY A 118 -6.23 18.15 -0.42
N ASP A 119 -6.37 19.47 -0.40
CA ASP A 119 -6.09 20.23 0.82
C ASP A 119 -7.24 20.16 1.83
N GLY A 120 -8.39 19.63 1.42
CA GLY A 120 -9.53 19.40 2.33
C GLY A 120 -10.26 20.64 2.80
N VAL A 121 -10.03 21.77 2.13
CA VAL A 121 -10.55 23.09 2.57
C VAL A 121 -11.75 23.58 1.76
N ASN A 122 -11.92 23.11 0.53
CA ASN A 122 -13.02 23.57 -0.32
C ASN A 122 -13.05 25.10 -0.45
N THR A 123 -11.95 25.66 -0.96
CA THR A 123 -11.88 27.09 -1.23
C THR A 123 -12.48 27.37 -2.60
N VAL A 124 -12.62 28.65 -2.91
CA VAL A 124 -12.84 29.09 -4.29
C VAL A 124 -11.68 28.61 -5.16
N ASN A 125 -11.86 28.66 -6.46
CA ASN A 125 -10.90 28.08 -7.41
C ASN A 125 -9.76 29.06 -7.71
N LEU A 126 -8.78 29.09 -6.80
CA LEU A 126 -7.73 30.11 -6.85
C LEU A 126 -6.80 29.98 -8.05
N SER A 127 -6.42 28.74 -8.40
CA SER A 127 -5.53 28.53 -9.55
C SER A 127 -6.22 28.96 -10.84
N THR A 128 -7.47 28.58 -10.97
CA THR A 128 -8.22 28.92 -12.17
C THR A 128 -8.38 30.44 -12.34
N MET A 129 -8.73 31.14 -11.27
CA MET A 129 -8.86 32.58 -11.30
C MET A 129 -7.52 33.23 -11.58
N ALA A 130 -6.48 32.75 -10.89
CA ALA A 130 -5.12 33.25 -11.16
C ALA A 130 -4.69 33.06 -12.61
N ALA A 131 -4.98 31.88 -13.16
CA ALA A 131 -4.65 31.59 -14.54
C ALA A 131 -5.25 32.59 -15.53
N ILE A 132 -6.52 32.98 -15.32
CA ILE A 132 -7.21 33.95 -16.18
C ILE A 132 -6.47 35.28 -16.15
N VAL A 133 -6.12 35.71 -14.94
CA VAL A 133 -5.45 36.98 -14.71
C VAL A 133 -4.05 37.01 -15.34
N VAL A 134 -3.30 35.92 -15.15
CA VAL A 134 -1.99 35.74 -15.78
C VAL A 134 -2.09 35.85 -17.31
N ALA A 135 -3.03 35.14 -17.93
CA ALA A 135 -3.16 35.21 -19.37
C ALA A 135 -3.49 36.63 -19.80
N ALA A 136 -4.35 37.31 -19.05
CA ALA A 136 -4.77 38.66 -19.39
C ALA A 136 -3.64 39.65 -19.25
N ALA A 137 -2.66 39.33 -18.40
CA ALA A 137 -1.44 40.14 -18.29
C ALA A 137 -0.50 39.92 -19.48
N GLY A 138 -0.80 38.95 -20.33
CA GLY A 138 -0.02 38.70 -21.55
C GLY A 138 0.95 37.54 -21.46
N VAL A 139 0.89 36.77 -20.39
CA VAL A 139 1.66 35.55 -20.29
C VAL A 139 0.81 34.41 -20.85
N PRO A 140 1.32 33.69 -21.87
CA PRO A 140 0.54 32.55 -22.40
C PRO A 140 0.34 31.48 -21.33
N VAL A 141 -0.90 31.04 -21.17
CA VAL A 141 -1.25 30.04 -20.17
C VAL A 141 -1.85 28.81 -20.83
N VAL A 142 -1.25 27.67 -20.57
CA VAL A 142 -1.89 26.42 -20.93
C VAL A 142 -2.16 25.68 -19.64
N LYS A 143 -3.42 25.71 -19.23
CA LYS A 143 -3.74 25.24 -17.91
C LYS A 143 -4.18 23.80 -17.98
N HIS A 144 -3.57 22.98 -17.14
CA HIS A 144 -4.00 21.62 -16.94
C HIS A 144 -5.03 21.65 -15.83
N GLY A 145 -6.08 20.83 -15.95
CA GLY A 145 -7.11 20.85 -14.95
C GLY A 145 -8.00 19.64 -14.97
N ALA A 146 -8.91 19.59 -14.00
CA ALA A 146 -9.78 18.44 -13.79
C ALA A 146 -10.93 18.82 -12.89
N ARG A 147 -11.97 17.99 -12.90
CA ARG A 147 -13.08 18.18 -11.97
C ARG A 147 -12.64 17.90 -10.54
N ALA A 148 -13.52 18.23 -9.60
CA ALA A 148 -13.29 17.96 -8.18
C ALA A 148 -13.00 16.48 -7.94
N ALA A 149 -12.11 16.21 -6.99
CA ALA A 149 -11.90 14.85 -6.48
C ALA A 149 -12.61 14.69 -5.15
N SER A 150 -12.35 15.62 -4.23
CA SER A 150 -13.00 15.62 -2.91
C SER A 150 -13.69 16.95 -2.55
N SER A 151 -13.39 18.02 -3.27
CA SER A 151 -14.00 19.33 -2.97
C SER A 151 -15.37 19.44 -3.69
N LEU A 152 -16.07 20.53 -3.43
CA LEU A 152 -17.40 20.74 -4.01
C LEU A 152 -17.33 21.12 -5.49
N SER A 153 -16.27 21.81 -5.90
CA SER A 153 -16.13 22.21 -7.29
C SER A 153 -14.68 22.41 -7.68
N GLY A 154 -14.23 21.62 -8.66
CA GLY A 154 -12.88 21.72 -9.19
C GLY A 154 -12.74 22.84 -10.20
N GLY A 155 -11.52 23.10 -10.63
CA GLY A 155 -11.24 24.08 -11.68
C GLY A 155 -12.05 23.85 -12.94
N ALA A 156 -12.09 22.61 -13.40
CA ALA A 156 -12.82 22.28 -14.63
C ALA A 156 -14.33 22.46 -14.46
N ASP A 157 -14.85 22.12 -13.28
CA ASP A 157 -16.27 22.32 -12.98
C ASP A 157 -16.66 23.78 -13.05
N THR A 158 -15.85 24.63 -12.44
CA THR A 158 -16.12 26.07 -12.38
C THR A 158 -15.98 26.71 -13.76
N LEU A 159 -14.97 26.31 -14.53
CA LEU A 159 -14.83 26.81 -15.91
C LEU A 159 -16.06 26.46 -16.74
N GLU A 160 -16.51 25.22 -16.60
CA GLU A 160 -17.71 24.76 -17.28
C GLU A 160 -18.93 25.61 -16.90
N ALA A 161 -19.11 25.86 -15.61
CA ALA A 161 -20.19 26.72 -15.13
C ALA A 161 -20.09 28.16 -15.64
N LEU A 162 -18.87 28.63 -15.92
CA LEU A 162 -18.65 29.95 -16.54
C LEU A 162 -18.94 29.99 -18.04
N GLY A 163 -19.17 28.82 -18.64
CA GLY A 163 -19.43 28.73 -20.07
C GLY A 163 -18.19 28.46 -20.89
N VAL A 164 -17.05 28.21 -20.23
CA VAL A 164 -15.83 27.87 -20.94
C VAL A 164 -15.89 26.40 -21.36
N ARG A 165 -15.41 26.10 -22.56
CA ARG A 165 -15.34 24.74 -23.04
C ARG A 165 -14.14 24.02 -22.46
N ILE A 166 -14.42 22.98 -21.69
CA ILE A 166 -13.36 22.20 -21.08
C ILE A 166 -13.05 20.93 -21.89
N ASP A 167 -13.82 20.71 -22.95
CA ASP A 167 -13.81 19.44 -23.69
C ASP A 167 -13.01 19.49 -25.00
N LEU A 168 -12.10 20.44 -25.12
CA LEU A 168 -11.41 20.64 -26.39
C LEU A 168 -10.20 19.72 -26.52
N GLY A 169 -10.00 19.19 -27.72
CA GLY A 169 -8.83 18.39 -28.03
C GLY A 169 -7.63 19.24 -28.40
N PRO A 170 -6.49 18.59 -28.70
CA PRO A 170 -5.21 19.24 -28.99
C PRO A 170 -5.27 20.41 -29.95
N ASP A 171 -5.87 20.21 -31.12
CA ASP A 171 -5.94 21.26 -32.14
C ASP A 171 -6.68 22.50 -31.64
N LEU A 172 -7.82 22.29 -30.98
CA LEU A 172 -8.63 23.42 -30.52
C LEU A 172 -8.06 24.12 -29.28
N VAL A 173 -7.37 23.37 -28.43
CA VAL A 173 -6.66 23.95 -27.29
C VAL A 173 -5.54 24.84 -27.82
N ALA A 174 -4.80 24.34 -28.81
CA ALA A 174 -3.77 25.15 -29.49
C ALA A 174 -4.36 26.44 -30.08
N ARG A 175 -5.52 26.33 -30.72
CA ARG A 175 -6.21 27.51 -31.26
C ARG A 175 -6.68 28.46 -30.17
N SER A 176 -7.14 27.93 -29.05
CA SER A 176 -7.55 28.75 -27.91
C SER A 176 -6.38 29.58 -27.42
N LEU A 177 -5.24 28.91 -27.28
CA LEU A 177 -4.02 29.56 -26.78
C LEU A 177 -3.60 30.73 -27.69
N ALA A 178 -3.59 30.47 -28.99
CA ALA A 178 -3.21 31.47 -29.98
C ALA A 178 -4.21 32.62 -30.07
N GLU A 179 -5.50 32.29 -30.04
CA GLU A 179 -6.54 33.31 -30.25
C GLU A 179 -6.96 34.06 -28.99
N VAL A 180 -7.01 33.36 -27.85
CA VAL A 180 -7.49 33.94 -26.58
C VAL A 180 -6.35 34.26 -25.62
N GLY A 181 -5.26 33.50 -25.72
CA GLY A 181 -4.10 33.68 -24.82
C GLY A 181 -4.08 32.65 -23.69
N ILE A 182 -5.10 31.80 -23.64
CA ILE A 182 -5.14 30.73 -22.67
C ILE A 182 -5.75 29.49 -23.31
N GLY A 183 -5.24 28.34 -22.94
CA GLY A 183 -5.85 27.05 -23.30
C GLY A 183 -6.06 26.22 -22.05
N PHE A 184 -7.09 25.38 -22.09
CA PHE A 184 -7.36 24.45 -20.99
C PHE A 184 -7.29 23.01 -21.49
N CYS A 185 -6.33 22.28 -20.91
CA CYS A 185 -6.20 20.86 -21.15
C CYS A 185 -6.91 20.11 -20.05
N PHE A 186 -8.05 19.50 -20.37
CA PHE A 186 -8.83 18.72 -19.42
C PHE A 186 -8.18 17.34 -19.29
N ALA A 187 -7.72 17.03 -18.07
CA ALA A 187 -6.86 15.85 -17.89
C ALA A 187 -7.44 14.57 -18.51
N PRO A 188 -8.72 14.22 -18.23
CA PRO A 188 -9.28 13.00 -18.83
C PRO A 188 -9.23 12.96 -20.36
N ARG A 189 -9.34 14.11 -20.99
CA ARG A 189 -9.35 14.22 -22.46
C ARG A 189 -7.96 13.97 -23.05
N PHE A 190 -6.91 14.39 -22.33
CA PHE A 190 -5.54 14.22 -22.83
C PHE A 190 -4.81 12.99 -22.29
N HIS A 191 -5.31 12.44 -21.19
CA HIS A 191 -4.71 11.27 -20.56
C HIS A 191 -5.71 10.13 -20.46
N PRO A 192 -6.30 9.73 -21.59
CA PRO A 192 -7.32 8.68 -21.51
C PRO A 192 -6.83 7.36 -20.91
N SER A 193 -5.54 7.07 -21.10
CA SER A 193 -4.97 5.81 -20.63
C SER A 193 -4.75 5.77 -19.12
N TYR A 194 -4.88 6.92 -18.46
CA TYR A 194 -4.80 6.99 -17.00
C TYR A 194 -6.07 6.49 -16.31
N ARG A 195 -7.11 6.17 -17.07
CA ARG A 195 -8.38 5.77 -16.46
C ARG A 195 -8.22 4.66 -15.41
N HIS A 196 -7.33 3.70 -15.66
CA HIS A 196 -7.15 2.57 -14.75
C HIS A 196 -6.60 3.03 -13.40
N ALA A 197 -5.59 3.90 -13.43
CA ALA A 197 -5.05 4.50 -12.22
C ALA A 197 -6.08 5.39 -11.51
N ALA A 198 -6.81 6.19 -12.26
CA ALA A 198 -7.81 7.09 -11.68
C ALA A 198 -8.88 6.32 -10.92
N ALA A 199 -9.32 5.19 -11.46
CA ALA A 199 -10.29 4.35 -10.79
C ALA A 199 -9.76 3.84 -9.44
N VAL A 200 -8.51 3.36 -9.43
CA VAL A 200 -7.90 2.86 -8.19
C VAL A 200 -7.76 3.97 -7.14
N ARG A 201 -7.33 5.14 -7.58
CA ARG A 201 -7.20 6.29 -6.70
C ARG A 201 -8.54 6.62 -6.01
N ARG A 202 -9.62 6.63 -6.77
CA ARG A 202 -10.95 6.85 -6.22
C ARG A 202 -11.35 5.76 -5.23
N GLU A 203 -11.05 4.50 -5.56
CA GLU A 203 -11.41 3.36 -4.71
C GLU A 203 -10.71 3.35 -3.35
N ILE A 204 -9.43 3.68 -3.33
CA ILE A 204 -8.69 3.59 -2.07
C ILE A 204 -8.81 4.88 -1.23
N GLY A 205 -9.03 6.01 -1.90
CA GLY A 205 -9.31 7.27 -1.23
C GLY A 205 -8.09 7.97 -0.67
N VAL A 206 -7.23 7.21 0.01
CA VAL A 206 -6.03 7.77 0.63
C VAL A 206 -5.17 8.44 -0.45
N PRO A 207 -4.64 9.64 -0.18
CA PRO A 207 -3.69 10.21 -1.13
C PRO A 207 -2.45 9.33 -1.27
N THR A 208 -1.93 9.27 -2.48
CA THR A 208 -0.72 8.52 -2.78
C THR A 208 0.14 9.37 -3.71
N VAL A 209 1.27 8.82 -4.11
CA VAL A 209 2.13 9.43 -5.11
C VAL A 209 1.36 9.81 -6.38
N PHE A 210 0.31 9.07 -6.74
CA PHE A 210 -0.51 9.41 -7.91
C PHE A 210 -1.07 10.83 -7.83
N ASN A 211 -1.38 11.29 -6.61
CA ASN A 211 -1.94 12.63 -6.43
C ASN A 211 -0.97 13.75 -6.86
N LEU A 212 0.32 13.43 -7.00
CA LEU A 212 1.30 14.41 -7.48
C LEU A 212 1.34 14.55 -9.00
N LEU A 213 0.76 13.60 -9.71
CA LEU A 213 1.06 13.44 -11.13
C LEU A 213 0.39 14.47 -12.03
N GLY A 214 -0.83 14.88 -11.68
CA GLY A 214 -1.58 15.86 -12.47
C GLY A 214 -0.77 17.10 -12.79
N PRO A 215 -0.21 17.74 -11.75
CA PRO A 215 0.58 18.92 -12.02
C PRO A 215 1.87 18.69 -12.82
N LEU A 216 2.38 17.47 -12.81
CA LEU A 216 3.62 17.13 -13.49
C LEU A 216 3.42 16.64 -14.91
N THR A 217 2.17 16.53 -15.36
CA THR A 217 1.87 15.90 -16.65
C THR A 217 0.96 16.74 -17.56
N ASN A 218 1.08 18.06 -17.47
CA ASN A 218 0.45 18.95 -18.43
C ASN A 218 0.91 18.54 -19.84
N PRO A 219 -0.02 18.16 -20.72
CA PRO A 219 0.38 17.59 -22.00
C PRO A 219 1.04 18.58 -22.96
N ALA A 220 0.82 19.88 -22.75
CA ALA A 220 1.46 20.94 -23.51
C ALA A 220 2.90 21.19 -23.05
N ARG A 221 3.27 20.57 -21.95
CA ARG A 221 4.64 20.61 -21.43
C ARG A 221 5.17 22.04 -21.29
N PRO A 222 4.41 22.91 -20.61
CA PRO A 222 4.95 24.25 -20.36
C PRO A 222 6.18 24.18 -19.46
N ARG A 223 7.09 25.12 -19.66
CA ARG A 223 8.36 25.14 -18.95
C ARG A 223 8.33 25.98 -17.68
N ALA A 224 7.22 26.68 -17.43
CA ALA A 224 7.06 27.45 -16.22
C ALA A 224 5.73 27.17 -15.57
N GLY A 225 5.64 27.42 -14.27
CA GLY A 225 4.36 27.33 -13.60
C GLY A 225 4.39 27.65 -12.13
N LEU A 226 3.19 27.89 -11.59
CA LEU A 226 2.96 27.98 -10.16
C LEU A 226 2.21 26.70 -9.80
N ILE A 227 2.86 25.86 -9.01
CA ILE A 227 2.39 24.51 -8.78
C ILE A 227 2.09 24.29 -7.31
N GLY A 228 0.82 24.08 -6.99
CA GLY A 228 0.39 23.87 -5.62
C GLY A 228 0.52 22.42 -5.20
N CYS A 229 0.97 22.20 -3.97
CA CYS A 229 1.06 20.86 -3.41
C CYS A 229 0.45 20.87 -2.01
N ALA A 230 -0.60 20.07 -1.82
CA ALA A 230 -1.29 19.96 -0.54
C ALA A 230 -0.49 19.21 0.51
N PHE A 231 0.43 18.36 0.06
CA PHE A 231 1.14 17.44 0.92
C PHE A 231 2.54 17.98 1.17
N ALA A 232 2.73 18.55 2.35
CA ALA A 232 3.96 19.27 2.67
C ALA A 232 5.20 18.40 2.49
N ASP A 233 5.05 17.10 2.78
CA ASP A 233 6.16 16.15 2.75
CA ASP A 233 6.17 16.17 2.75
C ASP A 233 6.53 15.67 1.34
N LEU A 234 5.67 15.99 0.35
CA LEU A 234 5.95 15.60 -1.04
C LEU A 234 6.26 16.78 -1.97
N ALA A 235 6.15 18.02 -1.48
CA ALA A 235 6.41 19.19 -2.32
C ALA A 235 7.85 19.27 -2.84
N GLU A 236 8.81 18.92 -1.99
CA GLU A 236 10.21 18.94 -2.42
C GLU A 236 10.49 17.94 -3.54
N VAL A 237 9.84 16.78 -3.48
CA VAL A 237 9.98 15.76 -4.53
C VAL A 237 9.39 16.27 -5.86
N MET A 238 8.23 16.94 -5.81
CA MET A 238 7.65 17.55 -7.01
C MET A 238 8.60 18.57 -7.60
N ALA A 239 9.19 19.38 -6.73
CA ALA A 239 10.17 20.37 -7.16
C ALA A 239 11.36 19.72 -7.86
N GLY A 240 11.81 18.58 -7.35
CA GLY A 240 12.94 17.86 -7.94
C GLY A 240 12.64 17.39 -9.35
N VAL A 241 11.40 16.98 -9.57
CA VAL A 241 10.97 16.55 -10.90
C VAL A 241 11.04 17.73 -11.89
N PHE A 242 10.48 18.87 -11.49
CA PHE A 242 10.57 20.07 -12.29
C PHE A 242 12.02 20.52 -12.49
N ALA A 243 12.83 20.37 -11.45
CA ALA A 243 14.24 20.73 -11.57
C ALA A 243 14.93 19.90 -12.64
N ALA A 244 14.62 18.61 -12.66
CA ALA A 244 15.22 17.68 -13.64
C ALA A 244 14.88 18.10 -15.08
N ARG A 245 13.67 18.63 -15.28
CA ARG A 245 13.26 19.13 -16.60
C ARG A 245 13.72 20.54 -16.93
N ARG A 246 14.46 21.16 -16.02
CA ARG A 246 14.84 22.57 -16.11
C ARG A 246 13.65 23.49 -16.38
N SER A 247 12.59 23.27 -15.62
CA SER A 247 11.45 24.19 -15.61
C SER A 247 11.73 25.32 -14.66
N SER A 248 11.09 26.45 -14.90
CA SER A 248 11.04 27.53 -13.93
C SER A 248 9.70 27.48 -13.19
N VAL A 249 9.72 26.93 -11.98
CA VAL A 249 8.51 26.69 -11.22
C VAL A 249 8.67 27.11 -9.77
N LEU A 250 7.58 27.62 -9.20
CA LEU A 250 7.41 27.73 -7.75
C LEU A 250 6.43 26.65 -7.34
N VAL A 251 6.91 25.67 -6.57
CA VAL A 251 6.05 24.67 -5.96
C VAL A 251 5.67 25.25 -4.61
N VAL A 252 4.36 25.39 -4.37
CA VAL A 252 3.87 26.11 -3.20
C VAL A 252 2.97 25.28 -2.29
N HIS A 253 3.16 25.45 -0.99
CA HIS A 253 2.32 24.86 0.03
C HIS A 253 2.08 25.92 1.08
N GLY A 254 0.85 26.39 1.18
CA GLY A 254 0.47 27.32 2.25
C GLY A 254 0.68 26.66 3.59
N ASP A 255 1.15 27.43 4.57
CA ASP A 255 1.42 26.85 5.89
C ASP A 255 0.13 26.58 6.68
N ASP A 256 -1.02 26.94 6.10
CA ASP A 256 -2.35 26.54 6.58
C ASP A 256 -2.85 25.26 5.90
N GLY A 257 -2.05 24.72 4.99
CA GLY A 257 -2.40 23.49 4.28
C GLY A 257 -2.89 23.67 2.86
N LEU A 258 -3.07 24.91 2.40
CA LEU A 258 -3.58 25.14 1.03
C LEU A 258 -2.57 24.70 -0.01
N ASP A 259 -3.06 24.15 -1.12
CA ASP A 259 -2.18 23.88 -2.28
C ASP A 259 -2.15 25.12 -3.19
N GLU A 260 -1.93 26.28 -2.56
CA GLU A 260 -1.85 27.59 -3.24
C GLU A 260 -0.99 28.49 -2.36
N LEU A 261 -0.55 29.63 -2.87
CA LEU A 261 -0.01 30.67 -1.99
C LEU A 261 -1.18 31.22 -1.20
N THR A 262 -1.08 31.13 0.12
CA THR A 262 -2.16 31.55 1.00
C THR A 262 -2.03 33.01 1.45
N THR A 263 -3.15 33.55 1.92
CA THR A 263 -3.20 34.88 2.52
C THR A 263 -3.48 34.83 4.01
N THR A 264 -3.70 33.63 4.57
CA THR A 264 -4.00 33.51 5.99
C THR A 264 -2.74 33.46 6.85
N THR A 265 -1.61 33.18 6.22
CA THR A 265 -0.34 32.95 6.92
C THR A 265 0.76 32.86 5.87
N THR A 266 1.94 32.39 6.29
CA THR A 266 3.05 32.17 5.38
C THR A 266 2.81 30.97 4.44
N SER A 267 3.61 30.89 3.39
CA SER A 267 3.63 29.72 2.53
C SER A 267 5.07 29.26 2.36
N THR A 268 5.25 27.96 2.21
CA THR A 268 6.55 27.42 1.88
C THR A 268 6.64 27.29 0.37
N ILE A 269 7.74 27.77 -0.20
CA ILE A 269 7.95 27.74 -1.64
C ILE A 269 9.21 26.97 -1.93
N TRP A 270 9.10 26.00 -2.84
CA TRP A 270 10.28 25.35 -3.38
C TRP A 270 10.52 25.97 -4.73
N ARG A 271 11.52 26.83 -4.79
CA ARG A 271 11.82 27.60 -5.97
C ARG A 271 12.72 26.79 -6.88
N VAL A 272 12.22 26.49 -8.07
CA VAL A 272 12.97 25.70 -9.05
C VAL A 272 13.45 26.62 -10.16
N ALA A 273 14.76 26.64 -10.35
CA ALA A 273 15.40 27.49 -11.34
C ALA A 273 16.80 26.95 -11.61
N ALA A 274 17.20 27.00 -12.89
CA ALA A 274 18.51 26.54 -13.35
C ALA A 274 18.85 25.11 -12.90
N GLY A 275 17.82 24.26 -12.78
CA GLY A 275 18.01 22.87 -12.41
C GLY A 275 18.15 22.59 -10.92
N SER A 276 18.02 23.61 -10.09
CA SER A 276 18.15 23.46 -8.64
C SER A 276 16.90 23.93 -7.90
N VAL A 277 16.70 23.38 -6.70
CA VAL A 277 15.59 23.70 -5.84
C VAL A 277 16.10 24.48 -4.64
N ASP A 278 15.43 25.59 -4.34
CA ASP A 278 15.75 26.42 -3.18
C ASP A 278 14.50 26.55 -2.31
N LYS A 279 14.59 26.14 -1.04
CA LYS A 279 13.43 26.26 -0.14
C LYS A 279 13.32 27.64 0.49
N LEU A 280 12.15 28.26 0.33
CA LEU A 280 11.89 29.56 0.91
C LEU A 280 10.58 29.54 1.70
N THR A 281 10.46 30.49 2.62
CA THR A 281 9.20 30.79 3.27
C THR A 281 8.77 32.16 2.74
N PHE A 282 7.50 32.27 2.34
CA PHE A 282 6.98 33.50 1.77
C PHE A 282 5.93 34.10 2.70
N ASP A 283 6.05 35.40 2.97
CA ASP A 283 5.06 36.13 3.76
C ASP A 283 4.43 37.27 2.96
N PRO A 284 3.13 37.16 2.64
CA PRO A 284 2.42 38.22 1.91
C PRO A 284 2.39 39.58 2.60
N ALA A 285 2.52 39.57 3.93
CA ALA A 285 2.61 40.79 4.70
C ALA A 285 3.77 41.66 4.20
N GLY A 286 4.82 41.01 3.68
CA GLY A 286 5.96 41.70 3.09
C GLY A 286 5.61 42.59 1.89
N PHE A 287 4.51 42.29 1.22
CA PHE A 287 4.03 43.09 0.10
C PHE A 287 2.73 43.83 0.42
N GLY A 288 2.41 43.95 1.71
CA GLY A 288 1.29 44.76 2.18
C GLY A 288 -0.06 44.07 2.20
N PHE A 289 -0.08 42.73 2.06
CA PHE A 289 -1.32 41.97 2.14
C PHE A 289 -1.76 41.80 3.60
N ALA A 290 -3.01 42.12 3.89
CA ALA A 290 -3.57 41.89 5.22
C ALA A 290 -3.85 40.40 5.38
N ARG A 291 -3.78 39.91 6.61
CA ARG A 291 -4.07 38.51 6.90
C ARG A 291 -5.55 38.24 6.70
N ALA A 292 -5.86 37.13 6.03
CA ALA A 292 -7.23 36.69 5.86
C ALA A 292 -7.49 35.50 6.77
N GLN A 293 -8.77 35.20 6.96
CA GLN A 293 -9.21 33.96 7.58
C GLN A 293 -9.53 32.96 6.48
N LEU A 294 -9.28 31.69 6.76
CA LEU A 294 -9.47 30.65 5.75
C LEU A 294 -10.93 30.55 5.31
N ASP A 295 -11.88 30.78 6.23
CA ASP A 295 -13.30 30.77 5.86
C ASP A 295 -13.69 31.89 4.89
N GLN A 296 -12.89 32.95 4.82
CA GLN A 296 -13.11 34.03 3.84
C GLN A 296 -12.81 33.57 2.40
N LEU A 297 -12.05 32.50 2.24
CA LEU A 297 -11.74 31.94 0.92
C LEU A 297 -12.61 30.73 0.58
N ALA A 298 -13.55 30.37 1.47
CA ALA A 298 -14.34 29.16 1.29
C ALA A 298 -15.17 29.21 0.01
N GLY A 299 -15.24 28.08 -0.68
CA GLY A 299 -16.04 27.96 -1.90
C GLY A 299 -17.35 27.25 -1.67
N GLY A 300 -18.14 27.17 -2.74
CA GLY A 300 -19.41 26.41 -2.75
C GLY A 300 -19.46 25.50 -3.94
N ASP A 301 -20.64 25.30 -4.51
CA ASP A 301 -20.78 24.49 -5.72
C ASP A 301 -20.26 25.26 -6.95
N ALA A 302 -20.25 24.60 -8.11
CA ALA A 302 -19.74 25.21 -9.32
C ALA A 302 -20.36 26.56 -9.63
N GLN A 303 -21.67 26.69 -9.41
CA GLN A 303 -22.37 27.96 -9.65
C GLN A 303 -21.88 29.06 -8.73
N ALA A 304 -21.72 28.73 -7.45
CA ALA A 304 -21.21 29.68 -6.46
C ALA A 304 -19.78 30.12 -6.77
N ASN A 305 -18.95 29.16 -7.17
CA ASN A 305 -17.54 29.45 -7.48
C ASN A 305 -17.40 30.21 -8.79
N ALA A 306 -18.30 29.96 -9.74
CA ALA A 306 -18.37 30.74 -10.97
C ALA A 306 -18.71 32.18 -10.63
N ALA A 307 -19.64 32.38 -9.69
CA ALA A 307 -20.01 33.72 -9.23
C ALA A 307 -18.80 34.43 -8.60
N ALA A 308 -18.03 33.70 -7.82
CA ALA A 308 -16.83 34.26 -7.19
C ALA A 308 -15.78 34.70 -8.23
N VAL A 309 -15.64 33.94 -9.32
CA VAL A 309 -14.76 34.34 -10.42
C VAL A 309 -15.24 35.66 -11.02
N ARG A 310 -16.52 35.71 -11.38
CA ARG A 310 -17.10 36.93 -11.93
C ARG A 310 -16.91 38.13 -11.00
N ALA A 311 -17.10 37.92 -9.71
CA ALA A 311 -16.98 39.02 -8.75
C ALA A 311 -15.55 39.55 -8.77
N VAL A 312 -14.56 38.66 -8.74
CA VAL A 312 -13.15 39.10 -8.70
C VAL A 312 -12.75 39.83 -9.98
N LEU A 313 -13.10 39.26 -11.13
CA LEU A 313 -12.74 39.86 -12.42
C LEU A 313 -13.50 41.17 -12.63
N GLY A 314 -14.63 41.33 -11.94
CA GLY A 314 -15.42 42.56 -12.00
C GLY A 314 -14.94 43.67 -11.08
N GLY A 315 -13.88 43.41 -10.32
CA GLY A 315 -13.26 44.41 -9.47
C GLY A 315 -13.63 44.35 -7.99
N ALA A 316 -14.34 43.32 -7.56
CA ALA A 316 -14.68 43.18 -6.14
C ALA A 316 -13.41 43.09 -5.31
N ARG A 317 -13.27 44.01 -4.35
CA ARG A 317 -12.12 44.03 -3.44
C ARG A 317 -12.40 43.10 -2.27
N GLY A 318 -11.35 42.65 -1.61
CA GLY A 318 -11.49 41.73 -0.49
C GLY A 318 -10.49 40.59 -0.51
N PRO A 319 -10.67 39.64 0.43
CA PRO A 319 -9.71 38.53 0.58
C PRO A 319 -9.57 37.63 -0.66
N VAL A 320 -10.67 37.37 -1.38
CA VAL A 320 -10.58 36.50 -2.53
C VAL A 320 -9.70 37.16 -3.60
N ARG A 321 -9.96 38.41 -3.91
CA ARG A 321 -9.13 39.14 -4.87
C ARG A 321 -7.67 39.09 -4.45
N ASP A 322 -7.40 39.34 -3.18
CA ASP A 322 -6.01 39.36 -2.70
C ASP A 322 -5.31 38.03 -3.02
N ALA A 323 -5.97 36.91 -2.73
CA ALA A 323 -5.39 35.59 -2.96
C ALA A 323 -5.18 35.32 -4.45
N VAL A 324 -6.13 35.76 -5.27
CA VAL A 324 -5.99 35.63 -6.71
C VAL A 324 -4.79 36.40 -7.24
N VAL A 325 -4.67 37.67 -6.81
CA VAL A 325 -3.58 38.55 -7.25
C VAL A 325 -2.23 37.98 -6.82
N LEU A 326 -2.17 37.53 -5.57
CA LEU A 326 -0.95 36.92 -5.04
C LEU A 326 -0.53 35.68 -5.85
N ASN A 327 -1.48 34.80 -6.16
CA ASN A 327 -1.16 33.62 -6.93
C ASN A 327 -0.83 33.93 -8.41
N ALA A 328 -1.54 34.89 -9.01
CA ALA A 328 -1.22 35.34 -10.37
C ALA A 328 0.21 35.89 -10.40
N ALA A 329 0.55 36.68 -9.40
CA ALA A 329 1.88 37.24 -9.29
C ALA A 329 2.95 36.13 -9.22
N GLY A 330 2.68 35.10 -8.42
CA GLY A 330 3.56 33.94 -8.29
C GLY A 330 3.81 33.29 -9.62
N ALA A 331 2.75 33.09 -10.39
CA ALA A 331 2.91 32.53 -11.72
C ALA A 331 3.75 33.41 -12.64
N ILE A 332 3.58 34.73 -12.52
CA ILE A 332 4.32 35.65 -13.36
C ILE A 332 5.80 35.64 -12.93
N VAL A 333 6.03 35.49 -11.64
CA VAL A 333 7.39 35.30 -11.13
C VAL A 333 8.06 34.05 -11.74
N ALA A 334 7.35 32.92 -11.75
CA ALA A 334 7.83 31.71 -12.38
C ALA A 334 8.19 31.95 -13.86
N HIS A 335 7.29 32.62 -14.58
CA HIS A 335 7.50 33.02 -15.96
C HIS A 335 8.80 33.81 -16.13
N ALA A 336 8.97 34.81 -15.25
CA ALA A 336 10.16 35.68 -15.28
C ALA A 336 11.44 34.88 -15.12
N GLY A 337 11.38 33.85 -14.27
CA GLY A 337 12.50 32.97 -13.97
C GLY A 337 12.97 32.12 -15.13
N LEU A 338 12.24 32.12 -16.24
CA LEU A 338 12.77 31.55 -17.48
C LEU A 338 14.01 32.32 -17.96
N SER A 339 14.16 33.57 -17.51
CA SER A 339 15.40 34.32 -17.73
C SER A 339 16.30 34.22 -16.51
N SER A 340 17.56 33.86 -16.72
CA SER A 340 18.55 33.83 -15.63
C SER A 340 18.80 35.23 -15.03
N ARG A 341 18.42 36.27 -15.77
CA ARG A 341 18.54 37.65 -15.31
C ARG A 341 17.55 38.02 -14.20
N ALA A 342 16.47 37.26 -14.07
CA ALA A 342 15.37 37.61 -13.15
C ALA A 342 15.80 37.68 -11.69
N GLU A 343 15.38 38.74 -11.00
CA GLU A 343 15.64 38.94 -9.56
C GLU A 343 14.34 38.82 -8.76
N TRP A 344 14.40 38.20 -7.58
CA TRP A 344 13.20 37.77 -6.82
C TRP A 344 12.25 38.90 -6.40
N LEU A 345 12.75 39.93 -5.72
CA LEU A 345 11.87 41.01 -5.26
C LEU A 345 11.33 41.87 -6.41
N PRO A 346 12.18 42.30 -7.35
CA PRO A 346 11.62 43.00 -8.51
C PRO A 346 10.59 42.15 -9.29
N ALA A 347 10.86 40.87 -9.42
CA ALA A 347 9.93 39.94 -10.07
C ALA A 347 8.59 39.94 -9.37
N TRP A 348 8.61 39.86 -8.04
CA TRP A 348 7.35 39.88 -7.27
C TRP A 348 6.62 41.21 -7.40
N GLU A 349 7.35 42.31 -7.32
CA GLU A 349 6.73 43.62 -7.47
CA GLU A 349 6.74 43.63 -7.49
C GLU A 349 6.11 43.76 -8.87
N GLU A 350 6.85 43.32 -9.88
CA GLU A 350 6.34 43.36 -11.26
C GLU A 350 5.11 42.49 -11.39
N GLY A 351 5.20 41.26 -10.88
CA GLY A 351 4.09 40.30 -10.93
C GLY A 351 2.85 40.84 -10.26
N LEU A 352 3.00 41.43 -9.08
CA LEU A 352 1.88 42.02 -8.37
C LEU A 352 1.25 43.20 -9.12
N ARG A 353 2.11 44.06 -9.66
CA ARG A 353 1.68 45.17 -10.49
CA ARG A 353 1.72 45.17 -10.50
C ARG A 353 0.88 44.69 -11.70
N ARG A 354 1.44 43.73 -12.43
CA ARG A 354 0.82 43.21 -13.64
C ARG A 354 -0.49 42.53 -13.35
N ALA A 355 -0.53 41.78 -12.26
CA ALA A 355 -1.72 41.01 -11.90
C ALA A 355 -2.85 41.96 -11.53
N SER A 356 -2.54 42.93 -10.67
CA SER A 356 -3.52 43.94 -10.27
C SER A 356 -4.04 44.72 -11.47
N ALA A 357 -3.13 45.16 -12.35
CA ALA A 357 -3.51 45.93 -13.53
C ALA A 357 -4.40 45.12 -14.48
N ALA A 358 -4.09 43.85 -14.68
CA ALA A 358 -4.90 42.99 -15.57
C ALA A 358 -6.35 42.89 -15.09
N ILE A 359 -6.56 42.89 -13.77
CA ILE A 359 -7.92 42.97 -13.24
C ILE A 359 -8.50 44.37 -13.41
N ASP A 360 -7.75 45.38 -12.96
CA ASP A 360 -8.26 46.74 -12.87
C ASP A 360 -8.65 47.38 -14.22
N THR A 361 -7.90 47.06 -15.27
CA THR A 361 -8.16 47.59 -16.62
C THR A 361 -9.37 46.91 -17.26
N GLY A 362 -9.81 45.80 -16.66
CA GLY A 362 -10.87 45.00 -17.25
C GLY A 362 -10.35 43.90 -18.16
N ALA A 363 -9.04 43.84 -18.34
CA ALA A 363 -8.42 42.89 -19.26
C ALA A 363 -8.79 41.43 -18.93
N ALA A 364 -8.79 41.11 -17.64
CA ALA A 364 -9.11 39.74 -17.19
C ALA A 364 -10.59 39.40 -17.45
N GLU A 365 -11.47 40.33 -17.12
CA GLU A 365 -12.91 40.16 -17.36
C GLU A 365 -13.18 39.97 -18.85
N GLN A 366 -12.57 40.81 -19.68
CA GLN A 366 -12.69 40.72 -21.13
C GLN A 366 -12.12 39.42 -21.68
N LEU A 367 -10.97 39.00 -21.16
CA LEU A 367 -10.35 37.77 -21.65
C LEU A 367 -11.26 36.57 -21.40
N LEU A 368 -11.89 36.51 -20.22
CA LEU A 368 -12.82 35.40 -19.93
C LEU A 368 -13.98 35.43 -20.90
N ALA A 369 -14.53 36.61 -21.15
CA ALA A 369 -15.65 36.74 -22.11
C ALA A 369 -15.23 36.26 -23.49
N ARG A 370 -14.04 36.65 -23.92
CA ARG A 370 -13.53 36.23 -25.22
C ARG A 370 -13.29 34.73 -25.25
N TRP A 371 -12.87 34.16 -24.12
CA TRP A 371 -12.67 32.72 -24.02
C TRP A 371 -14.00 31.98 -24.20
N VAL A 372 -15.05 32.47 -23.53
CA VAL A 372 -16.38 31.89 -23.67
C VAL A 372 -16.89 32.03 -25.11
N ARG A 373 -16.76 33.21 -25.68
CA ARG A 373 -17.15 33.46 -27.07
C ARG A 373 -16.40 32.52 -28.03
N PHE A 374 -15.11 32.33 -27.79
CA PHE A 374 -14.29 31.46 -28.63
C PHE A 374 -14.86 30.03 -28.67
N GLY A 375 -15.24 29.51 -27.51
CA GLY A 375 -15.76 28.15 -27.41
C GLY A 375 -17.11 27.98 -28.10
N ARG A 376 -17.95 29.00 -28.00
CA ARG A 376 -19.25 29.00 -28.68
C ARG A 376 -19.14 29.18 -30.19
N GLN A 377 -18.03 29.74 -30.67
CA GLN A 377 -17.82 29.93 -32.11
C GLN A 377 -17.22 28.72 -32.82
N ILE A 378 -16.74 27.74 -32.06
CA ILE A 378 -16.28 26.47 -32.64
C ILE A 378 -17.46 25.71 -33.24
N PRO B 33 -16.09 4.23 10.54
CA PRO B 33 -14.79 3.86 9.97
C PRO B 33 -14.82 3.83 8.45
N SER B 34 -13.66 4.04 7.82
CA SER B 34 -13.60 4.09 6.37
C SER B 34 -12.21 3.74 5.85
N TRP B 35 -12.14 3.42 4.56
CA TRP B 35 -10.85 3.15 3.91
C TRP B 35 -9.92 4.35 3.95
N PRO B 36 -10.42 5.55 3.56
CA PRO B 36 -9.59 6.76 3.65
C PRO B 36 -9.02 6.99 5.06
N GLN B 37 -9.84 6.77 6.07
CA GLN B 37 -9.43 6.97 7.45
C GLN B 37 -8.35 5.96 7.86
N ILE B 38 -8.64 4.69 7.63
CA ILE B 38 -7.73 3.61 8.07
C ILE B 38 -6.45 3.60 7.25
N LEU B 39 -6.58 3.65 5.93
CA LEU B 39 -5.39 3.71 5.07
C LEU B 39 -4.56 4.96 5.33
N GLY B 40 -5.24 6.10 5.54
CA GLY B 40 -4.53 7.35 5.88
C GLY B 40 -3.73 7.25 7.16
N ARG B 41 -4.33 6.63 8.17
CA ARG B 41 -3.64 6.40 9.44
C ARG B 41 -2.38 5.53 9.25
N LEU B 42 -2.51 4.47 8.46
CA LEU B 42 -1.38 3.59 8.16
C LEU B 42 -0.28 4.28 7.34
N THR B 43 -0.68 5.04 6.32
CA THR B 43 0.33 5.76 5.51
C THR B 43 1.02 6.84 6.33
N ASP B 44 0.37 7.27 7.41
CA ASP B 44 0.99 8.21 8.35
C ASP B 44 1.88 7.49 9.38
N ASN B 45 2.09 6.18 9.19
CA ASN B 45 2.93 5.37 10.05
C ASN B 45 2.45 5.34 11.51
N ARG B 46 1.13 5.29 11.68
CA ARG B 46 0.53 5.25 13.00
C ARG B 46 -0.18 3.91 13.19
N ASP B 47 -0.08 3.38 14.41
CA ASP B 47 -0.83 2.20 14.80
C ASP B 47 -2.30 2.56 14.71
N LEU B 48 -3.12 1.56 14.40
CA LEU B 48 -4.54 1.75 14.29
C LEU B 48 -5.19 1.84 15.66
N ALA B 49 -6.35 2.48 15.69
CA ALA B 49 -7.17 2.50 16.88
C ALA B 49 -7.83 1.15 17.05
N ARG B 50 -8.06 0.77 18.30
CA ARG B 50 -8.81 -0.44 18.65
CA ARG B 50 -8.76 -0.47 18.59
C ARG B 50 -9.98 -0.59 17.68
N GLY B 51 -10.13 -1.76 17.07
CA GLY B 51 -11.27 -2.08 16.22
C GLY B 51 -11.12 -1.78 14.72
N GLN B 52 -10.16 -0.92 14.36
CA GLN B 52 -10.02 -0.51 12.95
C GLN B 52 -9.53 -1.65 12.07
N ALA B 53 -8.51 -2.38 12.51
CA ALA B 53 -8.06 -3.57 11.76
C ALA B 53 -9.21 -4.54 11.58
N ALA B 54 -9.99 -4.72 12.65
CA ALA B 54 -11.15 -5.63 12.64
C ALA B 54 -12.17 -5.20 11.58
N TRP B 55 -12.48 -3.90 11.55
CA TRP B 55 -13.41 -3.35 10.55
C TRP B 55 -12.92 -3.67 9.15
N ALA B 56 -11.64 -3.40 8.90
CA ALA B 56 -11.05 -3.62 7.58
C ALA B 56 -11.14 -5.09 7.18
N MET B 57 -10.74 -5.98 8.09
CA MET B 57 -10.79 -7.40 7.80
C MET B 57 -12.24 -7.85 7.58
N ASP B 58 -13.15 -7.28 8.34
CA ASP B 58 -14.56 -7.64 8.18
C ASP B 58 -15.10 -7.20 6.81
N GLN B 59 -14.69 -6.03 6.34
CA GLN B 59 -15.05 -5.59 5.00
C GLN B 59 -14.52 -6.57 3.95
N ILE B 60 -13.27 -6.99 4.14
CA ILE B 60 -12.64 -7.93 3.22
C ILE B 60 -13.37 -9.27 3.23
N MET B 61 -13.75 -9.72 4.43
CA MET B 61 -14.32 -11.05 4.59
C MET B 61 -15.80 -11.12 4.19
N THR B 62 -16.48 -9.98 4.12
CA THR B 62 -17.90 -9.94 3.71
C THR B 62 -18.07 -9.64 2.21
N GLY B 63 -16.97 -9.65 1.46
CA GLY B 63 -17.02 -9.34 0.02
C GLY B 63 -17.31 -7.88 -0.28
N ASN B 64 -17.15 -7.00 0.72
CA ASN B 64 -17.42 -5.57 0.54
C ASN B 64 -16.20 -4.73 0.19
N ALA B 65 -15.02 -5.34 0.15
CA ALA B 65 -13.80 -4.61 -0.15
C ALA B 65 -13.39 -4.85 -1.61
N ARG B 66 -13.17 -3.77 -2.34
CA ARG B 66 -12.65 -3.86 -3.70
C ARG B 66 -11.22 -4.40 -3.66
N PRO B 67 -10.79 -5.11 -4.71
CA PRO B 67 -9.43 -5.61 -4.75
C PRO B 67 -8.37 -4.52 -4.46
N ALA B 68 -8.58 -3.32 -4.99
CA ALA B 68 -7.66 -2.20 -4.73
C ALA B 68 -7.58 -1.90 -3.23
N GLN B 69 -8.73 -1.90 -2.57
CA GLN B 69 -8.80 -1.65 -1.13
C GLN B 69 -8.13 -2.77 -0.34
N ILE B 70 -8.37 -4.02 -0.74
CA ILE B 70 -7.72 -5.17 -0.09
C ILE B 70 -6.20 -5.01 -0.18
N ALA B 71 -5.73 -4.70 -1.38
CA ALA B 71 -4.30 -4.59 -1.64
C ALA B 71 -3.69 -3.43 -0.88
N ALA B 72 -4.36 -2.27 -0.93
CA ALA B 72 -3.88 -1.08 -0.22
C ALA B 72 -3.71 -1.37 1.28
N PHE B 73 -4.72 -2.03 1.86
CA PHE B 73 -4.68 -2.39 3.28
C PHE B 73 -3.54 -3.36 3.58
N ALA B 74 -3.45 -4.42 2.79
CA ALA B 74 -2.42 -5.43 3.02
C ALA B 74 -1.03 -4.79 2.98
N VAL B 75 -0.77 -3.97 1.97
CA VAL B 75 0.54 -3.33 1.83
C VAL B 75 0.80 -2.35 2.97
N ALA B 76 -0.18 -1.48 3.23
CA ALA B 76 -0.06 -0.46 4.27
C ALA B 76 0.16 -1.07 5.65
N MET B 77 -0.57 -2.13 5.95
CA MET B 77 -0.43 -2.83 7.23
C MET B 77 0.92 -3.53 7.38
N THR B 78 1.54 -3.87 6.25
CA THR B 78 2.84 -4.52 6.26
C THR B 78 3.92 -3.47 6.46
N MET B 79 3.82 -2.37 5.74
CA MET B 79 4.87 -1.37 5.79
C MET B 79 4.80 -0.56 7.08
N LYS B 80 3.60 -0.37 7.63
CA LYS B 80 3.44 0.13 9.00
C LYS B 80 3.47 -1.16 9.83
N ALA B 81 4.64 -1.49 10.35
CA ALA B 81 4.83 -2.76 11.04
C ALA B 81 3.61 -3.11 11.92
N PRO B 82 2.97 -4.26 11.67
CA PRO B 82 1.75 -4.53 12.45
C PRO B 82 2.04 -4.92 13.88
N THR B 83 1.12 -4.58 14.77
CA THR B 83 1.22 -4.89 16.19
C THR B 83 0.49 -6.21 16.46
N ALA B 84 0.75 -6.81 17.62
CA ALA B 84 0.00 -8.00 18.02
C ALA B 84 -1.51 -7.72 18.12
N ASP B 85 -1.89 -6.57 18.68
CA ASP B 85 -3.34 -6.24 18.75
C ASP B 85 -3.98 -6.26 17.36
N GLU B 86 -3.29 -5.65 16.40
CA GLU B 86 -3.82 -5.52 15.04
C GLU B 86 -3.91 -6.87 14.34
N VAL B 87 -2.83 -7.65 14.40
CA VAL B 87 -2.84 -8.99 13.81
C VAL B 87 -3.91 -9.85 14.51
N GLY B 88 -4.00 -9.74 15.84
CA GLY B 88 -5.04 -10.45 16.58
C GLY B 88 -6.45 -10.08 16.12
N GLU B 89 -6.66 -8.81 15.81
CA GLU B 89 -7.97 -8.38 15.29
C GLU B 89 -8.24 -9.02 13.94
N LEU B 90 -7.24 -9.04 13.05
CA LEU B 90 -7.44 -9.65 11.72
C LEU B 90 -7.81 -11.14 11.85
N ALA B 91 -7.03 -11.85 12.65
CA ALA B 91 -7.24 -13.26 12.89
C ALA B 91 -8.60 -13.51 13.55
N GLY B 92 -8.98 -12.64 14.49
CA GLY B 92 -10.29 -12.73 15.18
C GLY B 92 -11.47 -12.66 14.23
N VAL B 93 -11.44 -11.66 13.35
CA VAL B 93 -12.51 -11.46 12.35
C VAL B 93 -12.60 -12.67 11.47
N MET B 94 -11.45 -13.15 11.01
CA MET B 94 -11.41 -14.33 10.17
C MET B 94 -12.07 -15.52 10.87
N LEU B 95 -11.67 -15.76 12.11
CA LEU B 95 -12.26 -16.87 12.86
C LEU B 95 -13.75 -16.69 13.13
N SER B 96 -14.21 -15.44 13.28
CA SER B 96 -15.63 -15.19 13.54
C SER B 96 -16.49 -15.52 12.32
N HIS B 97 -15.86 -15.54 11.13
CA HIS B 97 -16.54 -15.89 9.89
C HIS B 97 -16.38 -17.36 9.48
N ALA B 98 -15.47 -18.07 10.12
CA ALA B 98 -15.08 -19.40 9.68
C ALA B 98 -16.11 -20.45 10.08
N HIS B 99 -16.16 -21.53 9.32
CA HIS B 99 -16.94 -22.70 9.73
C HIS B 99 -16.21 -23.36 10.90
N PRO B 100 -16.92 -23.59 12.02
CA PRO B 100 -16.27 -24.27 13.13
C PRO B 100 -16.32 -25.78 12.92
N LEU B 101 -15.61 -26.52 13.75
CA LEU B 101 -15.83 -27.96 13.83
C LEU B 101 -17.00 -28.20 14.79
N PRO B 102 -17.62 -29.38 14.71
CA PRO B 102 -18.78 -29.63 15.56
C PRO B 102 -18.41 -29.58 17.05
N ALA B 103 -19.40 -29.27 17.89
CA ALA B 103 -19.16 -29.12 19.32
C ALA B 103 -18.44 -30.34 19.92
N ASP B 104 -17.44 -30.07 20.75
CA ASP B 104 -16.72 -31.10 21.52
C ASP B 104 -16.06 -32.21 20.67
N THR B 105 -15.61 -31.87 19.47
CA THR B 105 -14.88 -32.83 18.62
C THR B 105 -13.38 -32.56 18.58
N VAL B 106 -12.95 -31.37 19.00
CA VAL B 106 -11.53 -31.05 19.07
C VAL B 106 -11.04 -31.25 20.51
N PRO B 107 -10.14 -32.22 20.73
CA PRO B 107 -9.60 -32.40 22.08
C PRO B 107 -9.00 -31.09 22.59
N ASP B 108 -9.11 -30.89 23.90
CA ASP B 108 -8.61 -29.69 24.57
C ASP B 108 -7.10 -29.48 24.38
N ASP B 109 -6.38 -30.57 24.09
CA ASP B 109 -4.92 -30.55 24.01
C ASP B 109 -4.43 -30.79 22.58
N ALA B 110 -5.27 -30.50 21.59
CA ALA B 110 -4.85 -30.65 20.19
C ALA B 110 -3.83 -29.60 19.84
N VAL B 111 -2.92 -29.95 18.92
CA VAL B 111 -1.83 -29.07 18.57
C VAL B 111 -1.80 -28.83 17.07
N ASP B 112 -1.18 -27.71 16.69
CA ASP B 112 -0.91 -27.41 15.28
C ASP B 112 0.61 -27.45 15.14
N VAL B 113 1.07 -27.81 13.93
CA VAL B 113 2.51 -27.76 13.60
C VAL B 113 2.57 -27.11 12.22
N VAL B 114 3.14 -25.92 12.14
CA VAL B 114 3.06 -25.14 10.90
C VAL B 114 4.10 -24.03 10.89
N GLY B 115 4.45 -23.57 9.69
CA GLY B 115 5.30 -22.40 9.52
C GLY B 115 4.63 -21.41 8.57
N THR B 116 4.93 -20.13 8.73
CA THR B 116 4.37 -19.09 7.87
C THR B 116 4.97 -19.06 6.46
N GLY B 117 6.06 -19.80 6.25
CA GLY B 117 6.79 -19.77 4.98
C GLY B 117 7.76 -18.60 4.91
N GLY B 118 8.51 -18.51 3.82
CA GLY B 118 9.56 -17.48 3.68
C GLY B 118 9.69 -16.93 2.26
N THR B 123 9.31 -24.80 4.35
CA THR B 123 9.62 -26.01 5.11
C THR B 123 8.42 -26.94 5.27
N VAL B 124 7.53 -26.93 4.28
CA VAL B 124 6.33 -27.77 4.29
C VAL B 124 6.70 -29.25 4.46
N ASN B 125 7.84 -29.64 3.89
CA ASN B 125 8.41 -30.94 4.15
C ASN B 125 8.51 -31.20 5.65
N LEU B 126 9.13 -30.28 6.38
CA LEU B 126 9.42 -30.51 7.79
C LEU B 126 8.16 -30.51 8.66
N SER B 127 7.29 -29.53 8.45
CA SER B 127 6.09 -29.41 9.27
C SER B 127 5.09 -30.54 8.99
N THR B 128 5.03 -31.01 7.75
CA THR B 128 4.15 -32.12 7.38
C THR B 128 4.58 -33.42 8.08
N MET B 129 5.88 -33.70 8.00
CA MET B 129 6.44 -34.88 8.65
C MET B 129 6.33 -34.77 10.17
N ALA B 130 6.67 -33.61 10.70
CA ALA B 130 6.62 -33.42 12.14
C ALA B 130 5.19 -33.66 12.64
N ALA B 131 4.20 -33.15 11.90
CA ALA B 131 2.80 -33.31 12.27
C ALA B 131 2.39 -34.78 12.37
N ILE B 132 2.77 -35.57 11.38
CA ILE B 132 2.50 -37.02 11.36
C ILE B 132 3.16 -37.68 12.56
N VAL B 133 4.42 -37.31 12.83
CA VAL B 133 5.16 -37.91 13.93
C VAL B 133 4.52 -37.59 15.28
N VAL B 134 4.11 -36.34 15.46
CA VAL B 134 3.45 -35.88 16.67
C VAL B 134 2.14 -36.65 16.89
N ALA B 135 1.34 -36.73 15.84
CA ALA B 135 0.07 -37.47 15.92
C ALA B 135 0.30 -38.93 16.26
N ALA B 136 1.32 -39.53 15.66
CA ALA B 136 1.64 -40.94 15.90
C ALA B 136 2.10 -41.17 17.34
N ALA B 137 2.69 -40.16 17.97
CA ALA B 137 3.06 -40.21 19.39
C ALA B 137 1.85 -40.10 20.32
N GLY B 138 0.67 -39.80 19.79
CA GLY B 138 -0.54 -39.73 20.58
C GLY B 138 -1.00 -38.33 20.96
N VAL B 139 -0.37 -37.30 20.38
CA VAL B 139 -0.84 -35.95 20.57
C VAL B 139 -1.75 -35.63 19.39
N PRO B 140 -3.02 -35.28 19.66
CA PRO B 140 -3.91 -34.96 18.53
C PRO B 140 -3.41 -33.74 17.78
N VAL B 141 -3.39 -33.83 16.46
CA VAL B 141 -2.90 -32.75 15.62
C VAL B 141 -4.02 -32.32 14.70
N VAL B 142 -4.23 -31.01 14.61
CA VAL B 142 -5.17 -30.50 13.63
C VAL B 142 -4.47 -29.38 12.87
N LYS B 143 -4.22 -29.63 11.59
CA LYS B 143 -3.55 -28.68 10.72
C LYS B 143 -4.57 -27.92 9.88
N HIS B 144 -4.08 -26.89 9.21
CA HIS B 144 -4.91 -25.96 8.48
C HIS B 144 -4.04 -25.30 7.43
N GLY B 145 -4.52 -25.32 6.20
CA GLY B 145 -3.75 -24.81 5.09
C GLY B 145 -4.42 -24.93 3.75
N ALA B 146 -3.70 -24.50 2.73
CA ALA B 146 -4.21 -24.47 1.36
C ALA B 146 -3.14 -25.00 0.41
N ARG B 147 -3.48 -25.03 -0.88
CA ARG B 147 -2.52 -25.41 -1.90
C ARG B 147 -1.61 -24.22 -2.19
N ALA B 148 -0.32 -24.49 -2.39
CA ALA B 148 0.67 -23.44 -2.65
C ALA B 148 0.37 -22.69 -3.95
N SER B 151 -3.67 -17.84 -0.21
CA SER B 151 -3.80 -19.16 0.45
C SER B 151 -3.28 -19.16 1.89
N LEU B 152 -4.18 -19.38 2.84
CA LEU B 152 -3.83 -19.33 4.28
C LEU B 152 -3.02 -20.57 4.73
N SER B 153 -1.75 -20.59 4.35
CA SER B 153 -0.81 -21.69 4.67
C SER B 153 -0.74 -22.70 3.52
N GLY B 154 0.21 -22.51 2.60
CA GLY B 154 0.36 -23.38 1.43
C GLY B 154 0.92 -24.76 1.78
N GLY B 155 1.01 -25.62 0.77
CA GLY B 155 1.72 -26.91 0.90
C GLY B 155 0.87 -28.16 1.08
N ALA B 156 -0.44 -28.01 1.28
CA ALA B 156 -1.39 -29.15 1.34
C ALA B 156 -1.27 -30.10 0.15
N ASP B 157 -0.55 -29.65 -0.87
CA ASP B 157 -0.23 -30.44 -2.06
C ASP B 157 0.61 -31.66 -1.72
N THR B 158 1.48 -31.52 -0.73
CA THR B 158 2.31 -32.62 -0.25
C THR B 158 1.44 -33.73 0.33
N LEU B 159 0.49 -33.38 1.19
CA LEU B 159 -0.43 -34.36 1.76
C LEU B 159 -1.21 -35.07 0.64
N GLU B 160 -1.68 -34.31 -0.33
CA GLU B 160 -2.37 -34.91 -1.48
C GLU B 160 -1.44 -35.83 -2.26
N ALA B 161 -0.18 -35.42 -2.48
CA ALA B 161 0.81 -36.26 -3.15
C ALA B 161 1.05 -37.59 -2.41
N LEU B 162 0.82 -37.59 -1.10
CA LEU B 162 0.89 -38.80 -0.28
C LEU B 162 -0.41 -39.61 -0.29
N GLY B 163 -1.45 -39.07 -0.91
CA GLY B 163 -2.72 -39.77 -1.03
C GLY B 163 -3.77 -39.39 0.01
N VAL B 164 -3.50 -38.35 0.79
CA VAL B 164 -4.43 -37.89 1.83
C VAL B 164 -5.51 -37.00 1.20
N ARG B 165 -6.76 -37.22 1.59
CA ARG B 165 -7.85 -36.33 1.17
C ARG B 165 -7.85 -35.14 2.10
N ILE B 166 -7.49 -33.98 1.56
CA ILE B 166 -7.30 -32.77 2.35
C ILE B 166 -8.56 -31.91 2.44
N ASP B 167 -9.49 -32.10 1.50
CA ASP B 167 -10.69 -31.26 1.41
C ASP B 167 -11.90 -31.97 2.01
N LEU B 168 -11.98 -31.97 3.33
CA LEU B 168 -13.09 -32.57 4.06
C LEU B 168 -13.85 -31.52 4.82
N GLY B 169 -15.15 -31.71 4.96
CA GLY B 169 -15.99 -30.80 5.72
C GLY B 169 -15.79 -30.99 7.21
N PRO B 170 -16.34 -30.08 8.03
CA PRO B 170 -16.19 -30.11 9.49
C PRO B 170 -16.44 -31.48 10.13
N ASP B 171 -17.53 -32.14 9.75
CA ASP B 171 -17.88 -33.42 10.36
C ASP B 171 -16.82 -34.50 10.11
N LEU B 172 -16.21 -34.50 8.93
CA LEU B 172 -15.25 -35.54 8.59
C LEU B 172 -13.86 -35.23 9.15
N VAL B 173 -13.50 -33.96 9.23
CA VAL B 173 -12.25 -33.59 9.91
C VAL B 173 -12.35 -34.06 11.36
N ALA B 174 -13.51 -33.84 11.98
CA ALA B 174 -13.77 -34.31 13.33
C ALA B 174 -13.60 -35.84 13.44
N ARG B 175 -14.17 -36.58 12.50
CA ARG B 175 -14.00 -38.03 12.46
C ARG B 175 -12.55 -38.43 12.30
N SER B 176 -11.83 -37.75 11.40
CA SER B 176 -10.41 -38.03 11.16
C SER B 176 -9.60 -37.88 12.45
N LEU B 177 -9.82 -36.76 13.13
CA LEU B 177 -9.16 -36.50 14.41
C LEU B 177 -9.34 -37.67 15.38
N ALA B 178 -10.59 -38.11 15.51
CA ALA B 178 -10.94 -39.15 16.47
C ALA B 178 -10.38 -40.51 16.09
N GLU B 179 -10.48 -40.85 14.80
CA GLU B 179 -10.17 -42.20 14.34
C GLU B 179 -8.72 -42.38 13.93
N VAL B 180 -8.13 -41.34 13.37
CA VAL B 180 -6.76 -41.40 12.88
C VAL B 180 -5.80 -40.70 13.84
N GLY B 181 -6.26 -39.66 14.52
CA GLY B 181 -5.41 -38.89 15.44
C GLY B 181 -4.93 -37.58 14.83
N ILE B 182 -5.34 -37.32 13.60
CA ILE B 182 -4.96 -36.11 12.90
C ILE B 182 -6.08 -35.70 11.96
N GLY B 183 -6.18 -34.39 11.72
CA GLY B 183 -7.13 -33.84 10.77
C GLY B 183 -6.51 -32.65 10.08
N PHE B 184 -7.05 -32.31 8.91
CA PHE B 184 -6.56 -31.17 8.15
C PHE B 184 -7.75 -30.32 7.73
N CYS B 185 -7.76 -29.05 8.14
CA CYS B 185 -8.79 -28.11 7.74
C CYS B 185 -8.36 -27.35 6.48
N PHE B 186 -8.98 -27.67 5.34
CA PHE B 186 -8.63 -27.03 4.07
C PHE B 186 -9.21 -25.61 4.08
N ALA B 187 -8.33 -24.61 3.91
CA ALA B 187 -8.69 -23.21 4.15
C ALA B 187 -9.86 -22.69 3.30
N PRO B 188 -9.85 -22.94 1.98
CA PRO B 188 -11.01 -22.56 1.15
C PRO B 188 -12.34 -23.13 1.62
N ARG B 189 -12.31 -24.30 2.24
CA ARG B 189 -13.52 -24.92 2.76
C ARG B 189 -14.01 -24.27 4.05
N PHE B 190 -13.09 -24.00 4.97
CA PHE B 190 -13.47 -23.42 6.26
C PHE B 190 -13.50 -21.90 6.24
N HIS B 191 -12.77 -21.28 5.31
CA HIS B 191 -12.74 -19.83 5.17
C HIS B 191 -13.14 -19.42 3.76
N PRO B 192 -14.37 -19.77 3.35
CA PRO B 192 -14.76 -19.45 1.97
C PRO B 192 -14.78 -17.96 1.68
N SER B 193 -15.08 -17.15 2.69
CA SER B 193 -15.12 -15.70 2.53
C SER B 193 -13.74 -15.05 2.31
N TYR B 194 -12.67 -15.81 2.45
CA TYR B 194 -11.29 -15.32 2.27
C TYR B 194 -10.83 -15.29 0.81
N ARG B 195 -11.58 -15.92 -0.08
CA ARG B 195 -11.16 -16.04 -1.47
C ARG B 195 -10.84 -14.69 -2.12
N HIS B 196 -11.55 -13.63 -1.73
CA HIS B 196 -11.31 -12.30 -2.32
C HIS B 196 -9.92 -11.81 -1.91
N ALA B 197 -9.56 -11.99 -0.64
CA ALA B 197 -8.21 -11.69 -0.17
C ALA B 197 -7.16 -12.59 -0.84
N ALA B 198 -7.49 -13.87 -1.01
CA ALA B 198 -6.56 -14.84 -1.60
C ALA B 198 -6.13 -14.47 -3.01
N ALA B 199 -7.10 -14.03 -3.82
CA ALA B 199 -6.85 -13.61 -5.19
C ALA B 199 -5.88 -12.42 -5.21
N VAL B 200 -6.10 -11.48 -4.30
CA VAL B 200 -5.26 -10.28 -4.20
C VAL B 200 -3.83 -10.64 -3.82
N ARG B 201 -3.66 -11.56 -2.87
CA ARG B 201 -2.33 -11.97 -2.45
C ARG B 201 -1.52 -12.52 -3.63
N ARG B 202 -2.17 -13.35 -4.45
CA ARG B 202 -1.52 -13.93 -5.62
C ARG B 202 -1.11 -12.84 -6.62
N GLU B 203 -2.01 -11.87 -6.83
CA GLU B 203 -1.77 -10.79 -7.79
C GLU B 203 -0.61 -9.89 -7.40
N ILE B 204 -0.44 -9.63 -6.11
CA ILE B 204 0.67 -8.77 -5.69
C ILE B 204 1.96 -9.56 -5.45
N GLY B 205 1.84 -10.82 -5.04
CA GLY B 205 2.93 -11.78 -5.07
C GLY B 205 4.14 -11.50 -4.20
N VAL B 206 3.93 -10.66 -3.18
CA VAL B 206 4.96 -10.28 -2.22
C VAL B 206 4.38 -10.60 -0.85
N PRO B 207 5.22 -11.02 0.12
CA PRO B 207 4.66 -11.30 1.45
C PRO B 207 4.05 -10.05 2.12
N THR B 208 2.97 -10.27 2.86
CA THR B 208 2.31 -9.18 3.60
C THR B 208 1.93 -9.68 4.98
N VAL B 209 1.30 -8.83 5.76
CA VAL B 209 0.74 -9.22 7.05
C VAL B 209 -0.14 -10.46 6.93
N PHE B 210 -0.81 -10.64 5.79
CA PHE B 210 -1.68 -11.80 5.61
C PHE B 210 -0.92 -13.14 5.65
N ASN B 211 0.38 -13.11 5.33
CA ASN B 211 1.23 -14.30 5.48
C ASN B 211 1.34 -14.78 6.93
N LEU B 212 0.98 -13.93 7.89
CA LEU B 212 1.02 -14.31 9.30
C LEU B 212 -0.24 -15.03 9.78
N LEU B 213 -1.31 -15.00 9.00
CA LEU B 213 -2.64 -15.36 9.53
C LEU B 213 -2.93 -16.85 9.57
N GLY B 214 -2.25 -17.63 8.74
CA GLY B 214 -2.51 -19.08 8.67
C GLY B 214 -2.46 -19.76 10.02
N PRO B 215 -1.34 -19.61 10.75
CA PRO B 215 -1.22 -20.21 12.08
C PRO B 215 -2.21 -19.63 13.11
N LEU B 216 -2.73 -18.43 12.85
CA LEU B 216 -3.60 -17.77 13.80
C LEU B 216 -5.07 -17.94 13.46
N THR B 217 -5.37 -18.66 12.38
CA THR B 217 -6.77 -18.80 11.94
C THR B 217 -7.19 -20.25 11.67
N ASN B 218 -6.53 -21.16 12.36
CA ASN B 218 -6.90 -22.56 12.34
C ASN B 218 -8.32 -22.70 12.88
N PRO B 219 -9.26 -23.16 12.03
CA PRO B 219 -10.65 -23.17 12.46
C PRO B 219 -10.99 -24.15 13.60
N ALA B 220 -10.11 -25.12 13.86
CA ALA B 220 -10.25 -26.02 15.02
C ALA B 220 -9.79 -25.36 16.33
N ARG B 221 -9.09 -24.24 16.21
CA ARG B 221 -8.65 -23.44 17.35
C ARG B 221 -7.88 -24.25 18.39
N PRO B 222 -6.87 -25.02 17.93
CA PRO B 222 -6.01 -25.72 18.88
C PRO B 222 -5.31 -24.73 19.82
N ARG B 223 -5.18 -25.10 21.08
CA ARG B 223 -4.59 -24.22 22.09
C ARG B 223 -3.08 -24.37 22.20
N ALA B 224 -2.50 -25.26 21.40
CA ALA B 224 -1.07 -25.47 21.47
C ALA B 224 -0.47 -25.66 20.08
N GLY B 225 0.84 -25.48 19.99
CA GLY B 225 1.50 -25.69 18.73
C GLY B 225 2.96 -25.33 18.66
N LEU B 226 3.58 -25.77 17.58
CA LEU B 226 4.90 -25.34 17.17
C LEU B 226 4.60 -24.52 15.92
N ILE B 227 4.93 -23.24 15.99
CA ILE B 227 4.61 -22.28 14.94
C ILE B 227 5.90 -21.60 14.48
N GLY B 228 6.28 -21.88 13.24
CA GLY B 228 7.47 -21.30 12.65
C GLY B 228 7.19 -19.96 12.00
N CYS B 229 8.17 -19.06 12.07
CA CYS B 229 8.06 -17.76 11.41
C CYS B 229 9.40 -17.34 10.82
N ALA B 230 9.41 -16.99 9.53
CA ALA B 230 10.64 -16.63 8.82
C ALA B 230 11.24 -15.26 9.17
N PHE B 231 10.45 -14.36 9.76
CA PHE B 231 10.95 -13.04 10.17
C PHE B 231 10.94 -12.91 11.68
N ALA B 232 12.09 -12.60 12.27
CA ALA B 232 12.20 -12.51 13.74
C ALA B 232 11.25 -11.49 14.36
N ASP B 233 11.19 -10.30 13.77
CA ASP B 233 10.33 -9.24 14.31
C ASP B 233 8.87 -9.66 14.31
N LEU B 234 8.43 -10.32 13.23
CA LEU B 234 7.04 -10.73 13.14
C LEU B 234 6.76 -11.94 14.03
N ALA B 235 7.78 -12.76 14.30
CA ALA B 235 7.61 -13.91 15.19
C ALA B 235 7.13 -13.46 16.58
N GLU B 236 7.70 -12.35 17.06
CA GLU B 236 7.36 -11.83 18.37
C GLU B 236 5.90 -11.34 18.42
N VAL B 237 5.48 -10.73 17.32
CA VAL B 237 4.11 -10.29 17.14
C VAL B 237 3.16 -11.48 17.21
N MET B 238 3.46 -12.52 16.43
CA MET B 238 2.65 -13.75 16.45
C MET B 238 2.60 -14.36 17.84
N ALA B 239 3.72 -14.33 18.56
CA ALA B 239 3.76 -14.85 19.93
C ALA B 239 2.82 -14.07 20.85
N GLY B 240 2.74 -12.76 20.65
CA GLY B 240 1.82 -11.91 21.39
C GLY B 240 0.37 -12.27 21.13
N VAL B 241 0.05 -12.61 19.88
CA VAL B 241 -1.32 -13.00 19.53
C VAL B 241 -1.69 -14.30 20.26
N PHE B 242 -0.80 -15.28 20.19
CA PHE B 242 -0.99 -16.54 20.89
C PHE B 242 -1.06 -16.35 22.40
N ALA B 243 -0.26 -15.45 22.96
CA ALA B 243 -0.29 -15.17 24.37
C ALA B 243 -1.65 -14.63 24.80
N ALA B 244 -2.23 -13.76 23.98
CA ALA B 244 -3.55 -13.19 24.27
C ALA B 244 -4.63 -14.27 24.35
N ARG B 245 -4.50 -15.33 23.55
CA ARG B 245 -5.43 -16.47 23.61
C ARG B 245 -5.11 -17.49 24.67
N ARG B 246 -4.08 -17.23 25.47
CA ARG B 246 -3.60 -18.20 26.44
C ARG B 246 -3.31 -19.56 25.83
N SER B 247 -2.73 -19.55 24.61
CA SER B 247 -2.25 -20.78 23.99
C SER B 247 -0.93 -21.18 24.60
N SER B 248 -0.60 -22.47 24.54
CA SER B 248 0.74 -22.95 24.88
C SER B 248 1.45 -23.21 23.55
N VAL B 249 2.26 -22.27 23.10
CA VAL B 249 2.96 -22.46 21.82
C VAL B 249 4.43 -22.15 21.93
N LEU B 250 5.19 -22.77 21.03
CA LEU B 250 6.55 -22.34 20.76
C LEU B 250 6.54 -21.66 19.40
N VAL B 251 6.78 -20.36 19.39
CA VAL B 251 6.98 -19.67 18.15
C VAL B 251 8.47 -19.71 17.90
N VAL B 252 8.84 -20.26 16.76
CA VAL B 252 10.24 -20.61 16.48
C VAL B 252 10.74 -19.94 15.21
N HIS B 253 12.00 -19.51 15.25
CA HIS B 253 12.64 -18.90 14.09
C HIS B 253 14.11 -19.33 14.11
N GLY B 254 14.51 -20.07 13.10
CA GLY B 254 15.91 -20.47 12.97
C GLY B 254 16.75 -19.22 12.78
N ASP B 255 17.92 -19.16 13.40
CA ASP B 255 18.79 -18.00 13.25
C ASP B 255 19.48 -18.00 11.89
N ASP B 256 19.20 -19.04 11.11
CA ASP B 256 19.53 -19.12 9.68
C ASP B 256 18.35 -18.69 8.77
N GLY B 257 17.28 -18.17 9.36
CA GLY B 257 16.10 -17.70 8.61
C GLY B 257 14.97 -18.72 8.47
N LEU B 258 15.21 -19.96 8.86
CA LEU B 258 14.22 -21.03 8.67
C LEU B 258 12.97 -20.76 9.52
N ASP B 259 11.80 -21.10 8.99
CA ASP B 259 10.55 -20.99 9.74
C ASP B 259 10.23 -22.32 10.46
N GLU B 260 11.28 -22.88 11.07
CA GLU B 260 11.21 -24.08 11.88
C GLU B 260 12.39 -24.03 12.82
N LEU B 261 12.41 -24.88 13.84
CA LEU B 261 13.64 -25.06 14.59
C LEU B 261 14.67 -25.64 13.62
N THR B 262 15.82 -24.98 13.54
CA THR B 262 16.86 -25.41 12.61
C THR B 262 17.87 -26.31 13.30
N THR B 263 18.69 -26.99 12.48
CA THR B 263 19.83 -27.76 12.95
C THR B 263 21.14 -27.25 12.35
N THR B 264 21.09 -26.14 11.61
CA THR B 264 22.30 -25.56 11.03
C THR B 264 22.95 -24.59 11.98
N THR B 265 22.20 -24.16 12.99
CA THR B 265 22.67 -23.16 13.94
C THR B 265 21.65 -23.09 15.08
N THR B 266 21.71 -22.04 15.87
CA THR B 266 20.76 -21.82 16.95
C THR B 266 19.41 -21.38 16.39
N SER B 267 18.39 -21.41 17.25
CA SER B 267 17.08 -20.85 16.92
C SER B 267 16.62 -19.93 18.06
N THR B 268 15.81 -18.94 17.70
CA THR B 268 15.09 -18.14 18.67
C THR B 268 13.73 -18.77 18.89
N ILE B 269 13.38 -18.99 20.16
CA ILE B 269 12.07 -19.49 20.54
C ILE B 269 11.36 -18.44 21.40
N TRP B 270 10.13 -18.12 21.02
CA TRP B 270 9.27 -17.35 21.89
C TRP B 270 8.36 -18.36 22.55
N ARG B 271 8.64 -18.65 23.82
CA ARG B 271 7.88 -19.62 24.59
C ARG B 271 6.65 -18.94 25.18
N VAL B 272 5.48 -19.32 24.68
CA VAL B 272 4.23 -18.73 25.10
C VAL B 272 3.50 -19.71 26.01
N ALA B 273 3.22 -19.26 27.23
CA ALA B 273 2.43 -20.03 28.19
C ALA B 273 1.96 -19.11 29.30
N ALA B 274 0.77 -19.39 29.83
CA ALA B 274 0.19 -18.63 30.92
C ALA B 274 -0.05 -17.17 30.56
N GLY B 275 -0.30 -16.90 29.28
CA GLY B 275 -0.51 -15.55 28.79
C GLY B 275 0.74 -14.67 28.68
N SER B 276 1.92 -15.24 28.90
CA SER B 276 3.17 -14.48 28.87
C SER B 276 4.18 -15.11 27.91
N VAL B 277 5.16 -14.32 27.51
CA VAL B 277 6.14 -14.73 26.50
C VAL B 277 7.55 -14.66 27.06
N ASP B 278 8.29 -15.75 26.91
CA ASP B 278 9.71 -15.84 27.28
C ASP B 278 10.53 -16.05 26.01
N LYS B 279 11.45 -15.14 25.71
CA LYS B 279 12.30 -15.29 24.54
C LYS B 279 13.58 -16.05 24.90
N LEU B 280 13.90 -17.09 24.11
CA LEU B 280 15.01 -18.01 24.40
C LEU B 280 15.89 -18.22 23.18
N THR B 281 17.20 -18.43 23.39
CA THR B 281 18.08 -18.96 22.36
C THR B 281 18.23 -20.47 22.57
N PHE B 282 18.00 -21.23 21.51
CA PHE B 282 17.93 -22.69 21.57
C PHE B 282 19.00 -23.27 20.66
N ASP B 283 19.72 -24.26 21.15
CA ASP B 283 20.73 -24.96 20.36
C ASP B 283 20.50 -26.46 20.48
N PRO B 284 20.10 -27.12 19.38
CA PRO B 284 19.87 -28.56 19.42
C PRO B 284 21.15 -29.38 19.60
N ALA B 285 22.32 -28.75 19.47
CA ALA B 285 23.59 -29.42 19.80
C ALA B 285 23.55 -29.95 21.23
N GLY B 286 22.87 -29.21 22.11
CA GLY B 286 22.67 -29.62 23.49
C GLY B 286 21.96 -30.96 23.67
N PHE B 287 21.17 -31.36 22.67
CA PHE B 287 20.55 -32.68 22.66
C PHE B 287 21.25 -33.64 21.70
N GLY B 288 22.46 -33.27 21.25
CA GLY B 288 23.31 -34.14 20.46
C GLY B 288 23.03 -34.13 18.97
N PHE B 289 22.37 -33.07 18.48
CA PHE B 289 22.11 -32.96 17.05
C PHE B 289 23.31 -32.38 16.34
N ALA B 290 23.79 -33.06 15.31
CA ALA B 290 24.91 -32.57 14.51
C ALA B 290 24.46 -31.34 13.71
N ARG B 291 25.41 -30.47 13.39
CA ARG B 291 25.11 -29.33 12.55
C ARG B 291 24.86 -29.81 11.13
N ALA B 292 23.79 -29.33 10.51
CA ALA B 292 23.52 -29.60 9.11
C ALA B 292 23.75 -28.32 8.29
N GLN B 293 23.64 -28.45 6.98
CA GLN B 293 23.67 -27.30 6.07
C GLN B 293 22.24 -26.98 5.64
N LEU B 294 21.97 -25.71 5.41
CA LEU B 294 20.62 -25.25 5.04
C LEU B 294 20.07 -25.92 3.77
N ASP B 295 20.95 -26.17 2.80
CA ASP B 295 20.57 -26.79 1.52
C ASP B 295 20.15 -28.26 1.67
N GLN B 296 20.39 -28.85 2.85
CA GLN B 296 19.90 -30.20 3.16
C GLN B 296 18.47 -30.20 3.72
N LEU B 297 18.02 -29.08 4.30
CA LEU B 297 16.72 -29.02 4.99
C LEU B 297 15.57 -28.42 4.19
N ALA B 298 15.87 -27.51 3.28
CA ALA B 298 14.83 -26.77 2.56
C ALA B 298 13.85 -27.70 1.84
N GLY B 299 12.57 -27.32 1.82
CA GLY B 299 11.55 -28.09 1.12
C GLY B 299 11.55 -27.79 -0.37
N GLY B 300 11.16 -28.77 -1.19
CA GLY B 300 10.95 -28.60 -2.63
C GLY B 300 9.47 -28.61 -3.01
N ASP B 301 9.16 -29.21 -4.16
CA ASP B 301 7.76 -29.32 -4.62
C ASP B 301 7.04 -30.46 -3.93
N ALA B 302 5.74 -30.59 -4.19
CA ALA B 302 4.90 -31.60 -3.54
C ALA B 302 5.40 -33.02 -3.74
N GLN B 303 5.78 -33.37 -4.96
CA GLN B 303 6.23 -34.73 -5.26
C GLN B 303 7.56 -35.02 -4.57
N ALA B 304 8.47 -34.06 -4.59
CA ALA B 304 9.75 -34.18 -3.89
C ALA B 304 9.50 -34.31 -2.39
N ASN B 305 8.66 -33.41 -1.87
CA ASN B 305 8.28 -33.44 -0.45
C ASN B 305 7.70 -34.81 -0.06
N ALA B 306 6.82 -35.33 -0.90
CA ALA B 306 6.19 -36.62 -0.64
C ALA B 306 7.22 -37.75 -0.55
N ALA B 307 8.14 -37.78 -1.50
CA ALA B 307 9.22 -38.77 -1.50
C ALA B 307 10.03 -38.68 -0.20
N ALA B 308 10.31 -37.47 0.26
CA ALA B 308 11.06 -37.26 1.49
C ALA B 308 10.30 -37.78 2.71
N VAL B 309 8.99 -37.56 2.72
CA VAL B 309 8.13 -38.06 3.80
C VAL B 309 8.22 -39.59 3.89
N ARG B 310 8.00 -40.25 2.77
CA ARG B 310 8.12 -41.71 2.70
C ARG B 310 9.48 -42.20 3.19
N ALA B 311 10.53 -41.52 2.74
CA ALA B 311 11.90 -41.87 3.13
C ALA B 311 12.07 -41.78 4.65
N VAL B 312 11.75 -40.62 5.21
CA VAL B 312 11.93 -40.38 6.64
C VAL B 312 11.00 -41.28 7.47
N LEU B 313 9.74 -41.41 7.09
CA LEU B 313 8.82 -42.26 7.85
C LEU B 313 9.23 -43.73 7.79
N GLY B 314 9.94 -44.11 6.73
CA GLY B 314 10.47 -45.47 6.58
C GLY B 314 11.83 -45.69 7.23
N GLY B 315 12.35 -44.67 7.93
CA GLY B 315 13.56 -44.81 8.76
C GLY B 315 14.85 -44.26 8.18
N ALA B 316 14.76 -43.49 7.09
CA ALA B 316 15.95 -42.89 6.50
C ALA B 316 16.58 -41.91 7.49
N ARG B 317 17.87 -42.08 7.74
CA ARG B 317 18.61 -41.24 8.66
C ARG B 317 19.22 -40.06 7.93
N GLY B 318 19.45 -38.98 8.66
CA GLY B 318 20.12 -37.82 8.07
C GLY B 318 19.60 -36.51 8.61
N PRO B 319 20.03 -35.41 8.00
CA PRO B 319 19.65 -34.09 8.50
C PRO B 319 18.14 -33.82 8.46
N VAL B 320 17.45 -34.39 7.48
CA VAL B 320 16.01 -34.17 7.35
C VAL B 320 15.30 -34.85 8.52
N ARG B 321 15.65 -36.10 8.80
CA ARG B 321 15.10 -36.82 9.95
C ARG B 321 15.32 -36.03 11.23
N ASP B 322 16.57 -35.64 11.45
CA ASP B 322 16.93 -34.88 12.64
C ASP B 322 16.03 -33.68 12.85
N ALA B 323 15.82 -32.90 11.79
CA ALA B 323 15.04 -31.66 11.90
C ALA B 323 13.55 -31.97 12.13
N VAL B 324 13.05 -33.06 11.56
CA VAL B 324 11.68 -33.51 11.81
C VAL B 324 11.49 -33.90 13.27
N VAL B 325 12.39 -34.73 13.77
CA VAL B 325 12.38 -35.17 15.16
C VAL B 325 12.44 -33.97 16.10
N LEU B 326 13.30 -33.01 15.78
CA LEU B 326 13.46 -31.82 16.62
C LEU B 326 12.19 -31.00 16.67
N ASN B 327 11.58 -30.76 15.51
CA ASN B 327 10.37 -29.97 15.44
C ASN B 327 9.13 -30.69 15.99
N ALA B 328 9.07 -32.00 15.77
CA ALA B 328 8.07 -32.83 16.42
C ALA B 328 8.20 -32.74 17.94
N ALA B 329 9.43 -32.83 18.45
CA ALA B 329 9.65 -32.73 19.89
C ALA B 329 9.18 -31.37 20.41
N GLY B 330 9.49 -30.30 19.69
CA GLY B 330 9.01 -28.95 20.03
C GLY B 330 7.50 -28.86 20.16
N ALA B 331 6.78 -29.47 19.23
CA ALA B 331 5.32 -29.49 19.32
C ALA B 331 4.82 -30.25 20.56
N ILE B 332 5.51 -31.34 20.92
CA ILE B 332 5.18 -32.11 22.10
C ILE B 332 5.47 -31.30 23.37
N VAL B 333 6.59 -30.59 23.37
CA VAL B 333 6.93 -29.65 24.45
C VAL B 333 5.83 -28.59 24.63
N ALA B 334 5.34 -28.02 23.53
CA ALA B 334 4.21 -27.07 23.58
C ALA B 334 2.97 -27.73 24.16
N HIS B 335 2.70 -28.95 23.74
CA HIS B 335 1.61 -29.73 24.29
C HIS B 335 1.75 -29.91 25.82
N ALA B 336 2.95 -30.27 26.25
CA ALA B 336 3.25 -30.45 27.67
C ALA B 336 2.97 -29.17 28.45
N GLY B 337 3.24 -28.02 27.81
CA GLY B 337 3.07 -26.71 28.43
C GLY B 337 1.64 -26.30 28.72
N LEU B 338 0.67 -27.06 28.20
CA LEU B 338 -0.73 -26.86 28.58
C LEU B 338 -0.96 -27.16 30.06
N SER B 339 0.01 -27.85 30.68
CA SER B 339 0.05 -28.03 32.13
C SER B 339 1.06 -27.07 32.77
N SER B 340 0.70 -26.51 33.92
CA SER B 340 1.57 -25.57 34.64
C SER B 340 2.81 -26.22 35.26
N ARG B 341 2.80 -27.56 35.39
CA ARG B 341 3.89 -28.29 36.04
C ARG B 341 4.92 -28.90 35.07
N ALA B 342 4.98 -28.39 33.83
CA ALA B 342 5.95 -28.86 32.84
C ALA B 342 7.28 -28.13 32.99
N GLU B 343 8.39 -28.88 32.91
CA GLU B 343 9.73 -28.31 32.99
C GLU B 343 10.47 -28.46 31.67
N TRP B 344 11.21 -27.43 31.28
CA TRP B 344 11.77 -27.28 29.94
C TRP B 344 12.61 -28.47 29.46
N LEU B 345 13.73 -28.72 30.14
CA LEU B 345 14.65 -29.77 29.66
C LEU B 345 14.07 -31.19 29.73
N PRO B 346 13.40 -31.55 30.84
CA PRO B 346 12.71 -32.86 30.87
C PRO B 346 11.62 -33.00 29.81
N ALA B 347 10.94 -31.91 29.50
CA ALA B 347 9.92 -31.91 28.44
C ALA B 347 10.55 -32.17 27.09
N TRP B 348 11.66 -31.51 26.83
CA TRP B 348 12.40 -31.70 25.59
C TRP B 348 12.88 -33.14 25.46
N GLU B 349 13.46 -33.67 26.53
CA GLU B 349 13.98 -35.04 26.50
C GLU B 349 12.86 -36.06 26.25
N GLU B 350 11.69 -35.85 26.85
CA GLU B 350 10.55 -36.73 26.61
C GLU B 350 10.08 -36.57 25.16
N GLY B 351 9.94 -35.32 24.71
CA GLY B 351 9.49 -35.04 23.34
C GLY B 351 10.37 -35.70 22.30
N LEU B 352 11.68 -35.64 22.51
CA LEU B 352 12.62 -36.23 21.57
C LEU B 352 12.54 -37.75 21.56
N ARG B 353 12.38 -38.37 22.73
CA ARG B 353 12.22 -39.83 22.82
C ARG B 353 10.93 -40.25 22.15
N ARG B 354 9.85 -39.48 22.38
CA ARG B 354 8.56 -39.82 21.81
C ARG B 354 8.55 -39.66 20.30
N ALA B 355 9.17 -38.59 19.80
CA ALA B 355 9.24 -38.35 18.38
C ALA B 355 10.06 -39.44 17.69
N SER B 356 11.25 -39.72 18.23
CA SER B 356 12.13 -40.78 17.70
C SER B 356 11.42 -42.13 17.67
N ALA B 357 10.79 -42.50 18.77
CA ALA B 357 10.09 -43.79 18.85
C ALA B 357 8.92 -43.88 17.87
N ALA B 358 8.19 -42.79 17.68
CA ALA B 358 7.03 -42.82 16.80
C ALA B 358 7.47 -43.16 15.36
N ILE B 359 8.65 -42.68 14.96
CA ILE B 359 9.24 -43.06 13.68
C ILE B 359 9.77 -44.49 13.72
N ASP B 360 10.61 -44.77 14.72
CA ASP B 360 11.39 -46.01 14.75
C ASP B 360 10.54 -47.26 14.91
N THR B 361 9.41 -47.14 15.60
CA THR B 361 8.48 -48.26 15.76
C THR B 361 7.63 -48.46 14.51
N GLY B 362 7.63 -47.48 13.62
CA GLY B 362 6.76 -47.52 12.45
C GLY B 362 5.40 -46.93 12.70
N ALA B 363 5.14 -46.46 13.92
CA ALA B 363 3.87 -45.82 14.24
C ALA B 363 3.55 -44.65 13.30
N ALA B 364 4.54 -43.81 13.01
CA ALA B 364 4.36 -42.68 12.10
C ALA B 364 4.00 -43.12 10.69
N GLU B 365 4.76 -44.09 10.17
CA GLU B 365 4.47 -44.66 8.86
C GLU B 365 3.06 -45.24 8.82
N GLN B 366 2.70 -46.01 9.84
CA GLN B 366 1.37 -46.61 9.89
C GLN B 366 0.25 -45.58 10.02
N LEU B 367 0.48 -44.53 10.80
CA LEU B 367 -0.53 -43.48 10.94
C LEU B 367 -0.82 -42.86 9.56
N LEU B 368 0.21 -42.58 8.78
CA LEU B 368 0.02 -42.01 7.44
C LEU B 368 -0.83 -42.96 6.60
N ALA B 369 -0.46 -44.23 6.57
CA ALA B 369 -1.24 -45.25 5.84
C ALA B 369 -2.69 -45.29 6.32
N ARG B 370 -2.90 -45.23 7.64
CA ARG B 370 -4.25 -45.21 8.19
C ARG B 370 -4.99 -43.92 7.84
N TRP B 371 -4.26 -42.82 7.74
CA TRP B 371 -4.83 -41.55 7.29
C TRP B 371 -5.25 -41.64 5.82
N VAL B 372 -4.40 -42.23 4.99
CA VAL B 372 -4.74 -42.43 3.57
C VAL B 372 -5.96 -43.35 3.45
N ARG B 373 -5.92 -44.48 4.16
CA ARG B 373 -7.04 -45.44 4.20
C ARG B 373 -8.33 -44.78 4.66
N PHE B 374 -8.25 -43.92 5.66
CA PHE B 374 -9.42 -43.20 6.16
C PHE B 374 -10.14 -42.48 5.03
N GLY B 375 -9.39 -41.71 4.25
CA GLY B 375 -9.94 -40.93 3.15
C GLY B 375 -10.63 -41.79 2.09
N ARG B 376 -10.11 -42.98 1.87
CA ARG B 376 -10.67 -43.90 0.89
C ARG B 376 -11.86 -44.68 1.44
N GLN B 377 -11.88 -44.89 2.76
CA GLN B 377 -12.95 -45.63 3.42
C GLN B 377 -14.25 -44.82 3.55
N ILE B 378 -14.16 -43.48 3.57
CA ILE B 378 -15.34 -42.63 3.70
C ILE B 378 -16.40 -43.02 2.66
C1 MLT C . -11.99 47.35 -11.76
O1 MLT C . -11.18 46.98 -10.87
O2 MLT C . -12.21 48.56 -12.00
C2 MLT C . -12.72 46.29 -12.54
O3 MLT C . -11.78 45.33 -13.05
C3 MLT C . -13.50 46.85 -13.72
C4 MLT C . -14.08 45.71 -14.54
O4 MLT C . -15.04 45.94 -15.30
O5 MLT C . -13.58 44.57 -14.44
C1 GOL D . -7.10 11.35 -6.42
O1 GOL D . -6.54 10.41 -7.35
C2 GOL D . -7.06 12.76 -7.00
O2 GOL D . -7.19 13.72 -5.95
C3 GOL D . -5.75 13.09 -7.70
O3 GOL D . -5.17 11.95 -8.33
C1 GOL E . 13.70 34.58 -9.71
O1 GOL E . 14.10 33.93 -8.49
C2 GOL E . 12.21 34.30 -9.96
O2 GOL E . 11.79 35.00 -11.15
C3 GOL E . 11.88 32.80 -10.09
O3 GOL E . 13.02 31.93 -9.98
C1 GOL F . 16.63 27.08 -16.93
O1 GOL F . 16.49 26.25 -15.77
C2 GOL F . 15.36 27.91 -17.13
O2 GOL F . 14.22 27.06 -17.30
C3 GOL F . 15.13 28.80 -15.92
O3 GOL F . 15.18 28.07 -14.69
C1 PRP G . -6.96 20.98 -8.45
C2 PRP G . -7.76 19.74 -8.84
C3 PRP G . -9.20 20.17 -8.59
C4 PRP G . -9.09 21.19 -7.48
C5 PRP G . -9.64 20.65 -6.17
O1 PRP G . -6.94 21.84 -9.58
O2 PRP G . -7.58 19.33 -10.20
O3 PRP G . -9.82 20.77 -9.74
O4 PRP G . -7.69 21.51 -7.34
O5 PRP G . -9.08 19.36 -5.91
P PRP G . -9.77 18.46 -4.78
O1P PRP G . -11.18 18.22 -5.29
O2P PRP G . -9.69 19.30 -3.52
O3P PRP G . -8.92 17.21 -4.68
PA PRP G . -6.62 23.42 -9.76
O1A PRP G . -6.55 23.52 -11.26
O2A PRP G . -5.41 23.84 -8.96
O3A PRP G . -8.00 24.13 -9.34
PB PRP G . -8.34 25.43 -8.49
O1B PRP G . -9.52 24.96 -7.69
O2B PRP G . -8.66 26.52 -9.49
O3B PRP G . -7.13 25.78 -7.63
MG MG H . -6.60 24.79 -4.25
MG MG I . -5.28 25.04 -7.26
C1 GOL J . 19.49 -26.94 24.91
O1 GOL J . 20.88 -27.08 25.14
C2 GOL J . 19.09 -25.50 25.19
O2 GOL J . 19.36 -24.70 24.03
C3 GOL J . 17.61 -25.47 25.56
O3 GOL J . 17.11 -24.12 25.64
N1 IMD K . -8.72 -17.37 25.22
C2 IMD K . -8.29 -16.27 25.86
N3 IMD K . -9.37 -15.58 26.32
C4 IMD K . -10.48 -16.27 25.96
C5 IMD K . -10.07 -17.39 25.29
#